data_8K9T
#
_entry.id   8K9T
#
_cell.length_a   1.00
_cell.length_b   1.00
_cell.length_c   1.00
_cell.angle_alpha   90.00
_cell.angle_beta   90.00
_cell.angle_gamma   90.00
#
_symmetry.space_group_name_H-M   'P 1'
#
loop_
_entity.id
_entity.type
_entity.pdbx_description
1 polymer 'GPI inositol-deacylase,MCherry protein'
2 polymer 'Green fluorescent protein,Complement decay-accelerating factor'
3 non-polymer 'PALMITIC ACID'
4 non-polymer alpha-D-mannopyranose
5 non-polymer '2-azanylethyl [(2~{S},3~{S},4~{S},5~{S},6~{R})-6-(hydroxymethyl)-2,4,5-tris(oxidanyl)oxan-3-yl] hydrogen phosphate'
6 non-polymer 2-amino-2-deoxy-alpha-D-glucopyranose
7 non-polymer '[(2~{R})-1-octadecoxy-3-[oxidanyl-[(2~{R},3~{R},5~{S},6~{R})-2,3,4,5,6-pentakis(oxidanyl)cyclohexyl]oxy-phosphoryl]oxy-propan-2-yl] (5~{Z},8~{Z},11~{Z},14~{Z})-icosa-5,8,11,14-tetraenoate'
8 non-polymer CHOLESTEROL
9 non-polymer '2-azanylethyl [(2R,3S,4S,5S,6S)-3,4,5,6-tetrakis(oxidanyl)oxan-2-yl]methyl hydrogen phosphate'
#
loop_
_entity_poly.entity_id
_entity_poly.type
_entity_poly.pdbx_seq_one_letter_code
_entity_poly.pdbx_strand_id
1 'polypeptide(L)'
;MGSRSLSSASSDDDDAPPIRVPRVNQCATSRTKDSQSPAQSASKLDRRRSADRRPSFSANRRSGTGAGTGTGTGIANWRP
FDSRDATVERAGSSTATTATTPPPSSSLGLMLAANGAVQEKEMVMMGKAQEHGFVGRRAPWRSPWAISVFAFVTSLLGIG
LLLAVIHSSVTRQIDPKGCRMSYMRPSYAKLSDFDTEHTRLASKYSLYLYREQGIDHDVKVRGVPVLFIPGNAGSYKQVR
PIAAEAANYFHDVLQHDEAALRAGVRSLDFFTVDFNEDITAFHGQTLLDQAEYLNEAIRYILSLYLDPRVSERDPDLPDP
TSVIVLGHAMGGIVARTMLIMPNYQHNSINTIITMSAPHARPPVSFDGQIVQTYKDINNYWRHAYSQKWANDNPLWHVTL
VSIAGGGLDTVVPSDYASIESLVPDTHGFTVFTSTIPNVWTSMDHQAILWCDQFRKVIIRALFDIVDVHRASQTKPRAQR
MRVFKKWFLSGMETVAEKIAPTSDPTTLLIVDDKSDSITAEGERLVLRELGTQGSVRAHLMPIPPPGSPELKRFTLLTDT
KLDKPGENGKLEVMFCSVIPSQPNPTGPAIPSQLDLSKGNAGTTRLACTNVAPDVITLPASTRFARFPFSVRKEAEIPPF
SYLEYVLDDISEHQFVAVIEKATIPTPGFVIAEFSDHSNSHHTRHIGLRNLLTFGISLRLPSNRPMMSEVRIPSVKSSLL
AYNLRISALECSGRKDLFAPLVRQYLAEPYESKYFVNARQAAVSLHGVAPYVPPPMSREPEAEGLAFQLWTDPTCNSSIQ
VDLTVDVMGSLGKLYMRYRTVFAAFPLFIVSLVLRKQFQVYDSTGSFITFAEGLDLSLRQSIPVMLIVLAALTLSTTKMA
PSSSAGLWHWGGNTTFTNFHQNDLLIGTQDPFFLFLIPLIGIICVGVCTVVNYIALSLTRLISVVISFIGFLTVRFGWVN
AEDRRRPSNPAIFPPSSPRRRMITTAVLLFLVSTMIPYQLAYLVACLVQLGTLVRAQRISSELRSPANSNFHNYVHSIFI
LMLWILPINLPTLVVWMHNLSVHWLTPFTSHHNVFSIMPFILLVETHTTGQMIPRTGGTGNGRCCVLLRHITSILLLSLA
LYAAVYGVSYAYTLHQFVNLFAFWLVMVHSTADDWSLTGLRQLILHNRNNANNKSETGSRKRGKEPGTLEVLFQGPKLEF
VSKGEEDNMAIIKEFMRFKVHMEGSVNGHEFEIEGEGEGRPYEGTQTAKLKVTKGGPLPFAWDILSPQFMYGSKAYVKHP
ADIPDYLKLSFPEGFKWERVMNFEDGGVVTVTQDSSLQDGEFIYKVKLRGTNFPSDGPVMQKKTMGSEASSERMYPEDGA
LKGEVKYRLKLKDGGHYDAEVKTTYKAKKPVQLPGAYNVNRKLDITSHNEDYTIVEQYERAEGRHSTGGMDELYKSAHHH
HHHHHHH
;
A
2 'polypeptide(L)'
;GGSGGSASVIKPEMKIKLRMEGAVNGHKFVIEGEGIGKPYEGTQTLDLTVEEGAPLPFSYDILTPAFQYGNRAFTKYPED
IPDYFKQAFPEGYSWERSMTYEDQGICIATSDITMEGDCFFYEIRFDGTNFPPNGPVMQKKTLKWEPSTEKMYVEDGVLK
GDVEMALLLEGGGHYRCDFKTTYKAKKDVRLPDAHEVDHRIEILSHDKDYNKVRLYEHAEARYSGGGSGGGSAWSHPQFE
KGGGSGGGSGGSAWSHPQFEKGSPNKGSGTTS
;
B
#
# COMPACT_ATOMS: atom_id res chain seq x y z
N PRO A 140 42.13 -1.77 -36.14
CA PRO A 140 41.17 -1.40 -37.18
C PRO A 140 40.00 -0.57 -36.64
N TRP A 141 39.52 0.37 -37.44
CA TRP A 141 38.39 1.18 -37.03
C TRP A 141 37.12 0.34 -36.93
N ARG A 142 36.55 0.28 -35.74
CA ARG A 142 35.30 -0.42 -35.48
C ARG A 142 34.23 0.63 -35.19
N SER A 143 33.12 0.54 -35.89
CA SER A 143 32.10 1.57 -35.80
C SER A 143 31.49 1.59 -34.40
N PRO A 144 31.13 2.76 -33.87
CA PRO A 144 30.40 2.79 -32.60
C PRO A 144 29.06 2.09 -32.68
N TRP A 145 28.48 1.97 -33.86
CA TRP A 145 27.19 1.33 -34.04
C TRP A 145 27.28 -0.18 -34.08
N ALA A 146 28.43 -0.74 -34.42
CA ALA A 146 28.58 -2.18 -34.49
C ALA A 146 28.44 -2.80 -33.12
N ILE A 147 27.86 -4.00 -33.10
CA ILE A 147 27.64 -4.73 -31.86
C ILE A 147 27.93 -6.20 -32.12
N SER A 148 28.42 -6.89 -31.10
CA SER A 148 28.67 -8.31 -31.17
C SER A 148 27.35 -9.07 -31.21
N VAL A 149 27.39 -10.27 -31.79
CA VAL A 149 26.21 -11.14 -31.73
C VAL A 149 25.93 -11.54 -30.29
N PHE A 150 26.98 -11.81 -29.52
CA PHE A 150 26.80 -12.13 -28.11
C PHE A 150 26.13 -10.98 -27.35
N ALA A 151 26.60 -9.76 -27.59
CA ALA A 151 26.04 -8.63 -26.85
C ALA A 151 24.67 -8.22 -27.39
N PHE A 152 24.41 -8.49 -28.66
CA PHE A 152 23.10 -8.18 -29.22
C PHE A 152 22.05 -9.16 -28.71
N VAL A 153 22.37 -10.46 -28.71
CA VAL A 153 21.42 -11.46 -28.23
C VAL A 153 21.11 -11.21 -26.76
N THR A 154 22.13 -10.94 -25.95
CA THR A 154 21.91 -10.69 -24.53
C THR A 154 21.05 -9.45 -24.32
N SER A 155 21.28 -8.41 -25.11
CA SER A 155 20.46 -7.21 -25.00
C SER A 155 19.03 -7.47 -25.49
N LEU A 156 18.88 -8.32 -26.50
CA LEU A 156 17.55 -8.69 -26.97
C LEU A 156 16.78 -9.44 -25.89
N LEU A 157 17.44 -10.34 -25.17
CA LEU A 157 16.76 -11.03 -24.07
C LEU A 157 16.45 -10.06 -22.94
N GLY A 158 17.35 -9.13 -22.66
CA GLY A 158 17.09 -8.17 -21.60
C GLY A 158 15.90 -7.28 -21.91
N ILE A 159 15.82 -6.79 -23.14
CA ILE A 159 14.65 -6.03 -23.54
C ILE A 159 13.43 -6.94 -23.62
N GLY A 160 13.60 -8.17 -24.07
CA GLY A 160 12.47 -9.10 -24.12
C GLY A 160 11.92 -9.41 -22.73
N LEU A 161 12.81 -9.65 -21.77
CA LEU A 161 12.34 -9.91 -20.40
C LEU A 161 11.75 -8.67 -19.78
N LEU A 162 12.17 -7.48 -20.21
CA LEU A 162 11.54 -6.25 -19.72
C LEU A 162 10.12 -6.11 -20.24
N LEU A 163 9.91 -6.42 -21.53
CA LEU A 163 8.57 -6.33 -22.09
C LEU A 163 7.65 -7.38 -21.48
N ALA A 164 8.17 -8.58 -21.22
CA ALA A 164 7.35 -9.63 -20.62
C ALA A 164 6.94 -9.28 -19.20
N VAL A 165 7.85 -8.68 -18.43
CA VAL A 165 7.50 -8.25 -17.08
C VAL A 165 6.49 -7.12 -17.13
N ILE A 166 6.71 -6.14 -18.00
CA ILE A 166 5.81 -4.99 -18.08
C ILE A 166 4.46 -5.41 -18.63
N HIS A 167 4.45 -6.23 -19.68
CA HIS A 167 3.19 -6.64 -20.29
C HIS A 167 2.35 -7.47 -19.33
N SER A 168 2.96 -8.40 -18.61
CA SER A 168 2.20 -9.28 -17.74
C SER A 168 1.90 -8.65 -16.40
N SER A 169 2.35 -7.43 -16.15
CA SER A 169 1.95 -6.67 -14.98
C SER A 169 0.73 -5.81 -15.23
N VAL A 170 0.33 -5.64 -16.49
CA VAL A 170 -0.86 -4.88 -16.82
C VAL A 170 -1.95 -5.74 -17.42
N THR A 171 -1.71 -7.04 -17.63
CA THR A 171 -2.69 -7.92 -18.23
C THR A 171 -2.93 -9.20 -17.45
N ARG A 172 -2.01 -9.60 -16.59
CA ARG A 172 -2.12 -10.90 -15.92
C ARG A 172 -2.40 -10.65 -14.45
N GLN A 173 -3.33 -11.39 -13.83
CA GLN A 173 -3.67 -11.31 -12.41
C GLN A 173 -4.13 -9.91 -12.02
N ILE A 174 -5.00 -9.32 -12.83
CA ILE A 174 -5.54 -7.99 -12.55
C ILE A 174 -6.85 -8.13 -11.81
N ASP A 175 -6.98 -7.43 -10.69
CA ASP A 175 -8.16 -7.52 -9.87
C ASP A 175 -9.34 -6.81 -10.55
N PRO A 176 -10.56 -7.27 -10.29
CA PRO A 176 -11.72 -6.56 -10.84
C PRO A 176 -11.83 -5.15 -10.28
N LYS A 177 -12.24 -4.22 -11.14
CA LYS A 177 -12.50 -2.85 -10.72
C LYS A 177 -13.96 -2.74 -10.31
N GLY A 178 -14.20 -2.32 -9.08
CA GLY A 178 -15.56 -2.27 -8.59
C GLY A 178 -15.94 -1.02 -7.83
N CYS A 179 -15.32 0.10 -8.17
CA CYS A 179 -15.64 1.37 -7.52
C CYS A 179 -16.75 2.08 -8.28
N ARG A 180 -17.83 2.39 -7.56
CA ARG A 180 -18.91 3.19 -8.10
C ARG A 180 -18.56 4.66 -7.93
N MET A 181 -18.78 5.41 -9.03
CA MET A 181 -18.46 6.85 -9.05
C MET A 181 -19.35 7.62 -8.08
N SER A 182 -18.78 8.61 -7.40
CA SER A 182 -19.52 9.44 -6.47
C SER A 182 -19.67 10.84 -7.02
N TYR A 183 -20.85 11.43 -6.83
CA TYR A 183 -21.15 12.78 -7.30
C TYR A 183 -21.54 13.66 -6.13
N MET A 184 -21.17 14.93 -6.20
CA MET A 184 -21.44 15.86 -5.13
C MET A 184 -21.49 17.27 -5.69
N ARG A 185 -21.69 18.24 -4.79
CA ARG A 185 -21.73 19.65 -5.13
C ARG A 185 -20.64 20.37 -4.36
N PRO A 186 -19.42 20.45 -4.88
CA PRO A 186 -18.29 20.94 -4.08
C PRO A 186 -18.28 22.45 -3.93
N SER A 187 -17.70 22.89 -2.81
CA SER A 187 -17.46 24.29 -2.56
C SER A 187 -16.34 24.39 -1.53
N TYR A 188 -15.54 25.44 -1.63
CA TYR A 188 -14.40 25.61 -0.74
C TYR A 188 -14.33 27.05 -0.27
N ALA A 189 -14.17 27.22 1.05
CA ALA A 189 -13.98 28.53 1.65
C ALA A 189 -12.53 28.64 2.07
N LYS A 190 -11.80 29.56 1.47
CA LYS A 190 -10.40 29.74 1.80
C LYS A 190 -10.27 30.47 3.12
N LEU A 191 -9.56 29.85 4.07
CA LEU A 191 -9.31 30.47 5.36
C LEU A 191 -8.14 31.42 5.17
N SER A 192 -8.43 32.59 4.61
CA SER A 192 -7.40 33.54 4.20
C SER A 192 -6.90 34.40 5.36
N ASP A 193 -7.51 34.28 6.54
CA ASP A 193 -6.95 34.91 7.72
C ASP A 193 -5.79 34.11 8.31
N PHE A 194 -5.62 32.87 7.87
CA PHE A 194 -4.43 32.08 8.18
C PHE A 194 -3.34 32.49 7.20
N ASP A 195 -2.55 33.48 7.60
CA ASP A 195 -1.63 34.15 6.68
C ASP A 195 -0.20 34.14 7.21
N THR A 196 0.66 34.94 6.59
CA THR A 196 2.09 34.91 6.89
C THR A 196 2.42 35.33 8.31
N GLU A 197 1.47 35.93 9.03
CA GLU A 197 1.70 36.20 10.44
C GLU A 197 1.73 34.91 11.25
N HIS A 198 0.97 33.90 10.83
CA HIS A 198 0.96 32.64 11.56
C HIS A 198 2.09 31.72 11.14
N THR A 199 2.44 31.72 9.86
CA THR A 199 3.53 30.90 9.38
C THR A 199 4.10 31.50 8.10
N ARG A 200 5.41 31.35 7.92
CA ARG A 200 6.07 31.90 6.74
C ARG A 200 5.63 31.19 5.48
N LEU A 201 5.21 29.94 5.58
CA LEU A 201 4.81 29.16 4.43
C LEU A 201 3.42 29.52 3.93
N ALA A 202 2.69 30.36 4.65
CA ALA A 202 1.34 30.73 4.24
C ALA A 202 1.32 31.58 2.97
N SER A 203 2.47 32.13 2.58
CA SER A 203 2.55 32.80 1.29
C SER A 203 2.58 31.79 0.16
N LYS A 204 2.93 30.54 0.48
CA LYS A 204 3.05 29.48 -0.50
C LYS A 204 1.90 28.48 -0.42
N TYR A 205 1.38 28.21 0.77
CA TYR A 205 0.34 27.22 0.97
C TYR A 205 -0.95 27.90 1.41
N SER A 206 -2.06 27.17 1.26
CA SER A 206 -3.37 27.70 1.64
C SER A 206 -4.18 26.61 2.31
N LEU A 207 -5.14 27.05 3.12
CA LEU A 207 -6.02 26.18 3.88
C LEU A 207 -7.46 26.48 3.51
N TYR A 208 -8.25 25.44 3.30
CA TYR A 208 -9.64 25.57 2.88
C TYR A 208 -10.55 24.83 3.83
N LEU A 209 -11.78 25.30 3.93
CA LEU A 209 -12.86 24.59 4.61
C LEU A 209 -13.83 24.08 3.56
N TYR A 210 -14.04 22.77 3.53
CA TYR A 210 -14.97 22.22 2.56
C TYR A 210 -16.40 22.54 2.99
N ARG A 211 -17.18 23.09 2.06
CA ARG A 211 -18.58 23.34 2.26
C ARG A 211 -19.34 22.62 1.16
N GLU A 212 -20.33 21.82 1.54
CA GLU A 212 -21.15 21.10 0.57
C GLU A 212 -22.41 21.90 0.31
N GLN A 213 -22.59 22.35 -0.93
CA GLN A 213 -23.68 23.26 -1.24
C GLN A 213 -25.02 22.57 -1.03
N GLY A 214 -25.96 23.29 -0.42
CA GLY A 214 -27.23 22.76 -0.05
C GLY A 214 -27.30 22.16 1.34
N ILE A 215 -26.15 21.86 1.94
CA ILE A 215 -26.06 21.32 3.29
C ILE A 215 -25.33 22.28 4.23
N ASP A 216 -24.22 22.83 3.78
CA ASP A 216 -23.44 23.80 4.54
C ASP A 216 -23.73 25.18 3.95
N HIS A 217 -24.55 25.97 4.65
CA HIS A 217 -25.03 27.25 4.15
C HIS A 217 -24.20 28.44 4.63
N ASP A 218 -23.15 28.21 5.41
CA ASP A 218 -22.31 29.30 5.86
C ASP A 218 -20.95 28.75 6.24
N VAL A 219 -19.95 29.63 6.24
CA VAL A 219 -18.61 29.21 6.65
C VAL A 219 -18.49 29.34 8.16
N LYS A 220 -19.00 28.35 8.87
CA LYS A 220 -18.87 28.25 10.31
C LYS A 220 -18.54 26.81 10.66
N VAL A 221 -17.78 26.64 11.74
CA VAL A 221 -17.41 25.32 12.21
C VAL A 221 -18.44 24.90 13.26
N ARG A 222 -18.97 23.70 13.21
CA ARG A 222 -20.06 23.35 14.12
C ARG A 222 -19.84 21.95 14.65
N GLY A 223 -18.74 21.34 14.30
CA GLY A 223 -18.52 19.97 14.75
C GLY A 223 -17.08 19.59 15.01
N VAL A 224 -16.73 18.37 14.64
CA VAL A 224 -15.38 17.85 14.88
C VAL A 224 -14.47 18.25 13.74
N PRO A 225 -13.31 18.85 14.01
CA PRO A 225 -12.41 19.25 12.92
C PRO A 225 -11.65 18.05 12.36
N VAL A 226 -11.65 17.92 11.04
CA VAL A 226 -10.92 16.87 10.33
C VAL A 226 -10.04 17.52 9.29
N LEU A 227 -8.80 17.06 9.17
CA LEU A 227 -7.84 17.63 8.24
C LEU A 227 -7.45 16.59 7.20
N PHE A 228 -7.62 16.94 5.93
CA PHE A 228 -7.23 16.08 4.81
C PHE A 228 -5.94 16.60 4.20
N ILE A 229 -4.97 15.71 4.03
CA ILE A 229 -3.68 16.07 3.46
C ILE A 229 -3.53 15.33 2.13
N PRO A 230 -3.43 16.04 1.01
CA PRO A 230 -3.21 15.37 -0.27
C PRO A 230 -1.77 14.93 -0.43
N GLY A 231 -1.54 14.11 -1.45
CA GLY A 231 -0.27 13.44 -1.65
C GLY A 231 0.64 14.11 -2.64
N ASN A 232 1.67 13.42 -3.14
CA ASN A 232 2.64 13.97 -4.14
C ASN A 232 1.90 14.41 -5.39
N ALA A 233 1.79 15.67 -5.65
CA ALA A 233 1.08 16.38 -6.71
C ALA A 233 -0.42 16.19 -6.62
N GLY A 234 -0.93 16.00 -5.41
CA GLY A 234 -2.36 15.89 -5.20
C GLY A 234 -3.02 17.24 -5.10
N SER A 235 -4.34 17.22 -5.06
CA SER A 235 -5.12 18.44 -4.98
C SER A 235 -5.83 18.52 -3.64
N TYR A 236 -6.01 19.74 -3.15
CA TYR A 236 -6.86 19.95 -1.99
C TYR A 236 -8.32 19.67 -2.29
N LYS A 237 -8.69 19.58 -3.57
CA LYS A 237 -10.04 19.32 -3.99
C LYS A 237 -10.37 17.83 -3.99
N GLN A 238 -9.38 16.98 -3.73
CA GLN A 238 -9.60 15.55 -3.63
C GLN A 238 -10.35 15.18 -2.36
N VAL A 239 -10.73 16.15 -1.54
CA VAL A 239 -11.51 15.88 -0.34
C VAL A 239 -13.01 15.87 -0.63
N ARG A 240 -13.38 16.25 -1.83
CA ARG A 240 -14.77 16.28 -2.27
C ARG A 240 -15.54 15.05 -1.82
N PRO A 241 -15.21 13.76 -2.15
CA PRO A 241 -16.12 12.64 -1.89
C PRO A 241 -16.29 12.32 -0.42
N ILE A 242 -15.20 12.25 0.34
CA ILE A 242 -15.30 11.90 1.75
C ILE A 242 -15.96 13.02 2.54
N ALA A 243 -15.68 14.27 2.18
CA ALA A 243 -16.28 15.39 2.90
C ALA A 243 -17.76 15.55 2.55
N ALA A 244 -18.13 15.21 1.31
CA ALA A 244 -19.53 15.31 0.92
C ALA A 244 -20.37 14.21 1.54
N GLU A 245 -19.83 13.00 1.63
CA GLU A 245 -20.52 11.91 2.30
C GLU A 245 -20.75 12.23 3.76
N ALA A 246 -19.77 12.83 4.42
CA ALA A 246 -19.93 13.22 5.82
C ALA A 246 -20.98 14.31 5.96
N ALA A 247 -21.02 15.25 5.02
CA ALA A 247 -22.00 16.32 5.10
C ALA A 247 -23.40 15.79 4.85
N ASN A 248 -23.55 14.85 3.92
CA ASN A 248 -24.87 14.31 3.62
C ASN A 248 -25.35 13.37 4.71
N TYR A 249 -24.46 12.52 5.22
CA TYR A 249 -24.89 11.53 6.20
C TYR A 249 -25.37 12.18 7.48
N PHE A 250 -24.68 13.23 7.94
CA PHE A 250 -25.17 13.92 9.13
C PHE A 250 -26.49 14.62 8.86
N HIS A 251 -26.65 15.18 7.67
CA HIS A 251 -27.91 15.82 7.32
C HIS A 251 -29.04 14.80 7.25
N ASP A 252 -28.81 13.67 6.60
CA ASP A 252 -29.86 12.70 6.36
C ASP A 252 -30.23 11.94 7.62
N VAL A 253 -29.24 11.48 8.37
CA VAL A 253 -29.44 10.51 9.43
C VAL A 253 -29.18 11.11 10.81
N LEU A 254 -27.96 11.57 11.06
CA LEU A 254 -27.52 11.78 12.43
C LEU A 254 -28.20 12.98 13.07
N GLN A 255 -28.38 14.07 12.33
CA GLN A 255 -28.92 15.28 12.96
C GLN A 255 -30.33 15.06 13.49
N HIS A 256 -31.00 14.00 13.01
CA HIS A 256 -32.29 13.63 13.57
C HIS A 256 -32.13 12.64 14.73
N ASP A 257 -31.07 11.85 14.70
CA ASP A 257 -30.82 10.85 15.75
C ASP A 257 -30.53 11.57 17.05
N GLU A 258 -31.50 11.59 17.96
CA GLU A 258 -31.32 12.36 19.19
C GLU A 258 -30.44 11.64 20.18
N ALA A 259 -30.50 10.30 20.18
CA ALA A 259 -29.63 9.53 21.06
C ALA A 259 -28.16 9.70 20.68
N ALA A 260 -27.86 9.65 19.38
CA ALA A 260 -26.48 9.81 18.94
C ALA A 260 -25.95 11.20 19.25
N LEU A 261 -26.78 12.22 19.08
CA LEU A 261 -26.38 13.57 19.48
C LEU A 261 -26.18 13.66 20.98
N ARG A 262 -27.00 12.96 21.77
CA ARG A 262 -26.80 12.94 23.21
C ARG A 262 -25.52 12.22 23.59
N ALA A 263 -25.07 11.29 22.75
CA ALA A 263 -23.83 10.56 23.01
C ALA A 263 -22.58 11.35 22.60
N GLY A 264 -22.74 12.50 21.97
CA GLY A 264 -21.62 13.32 21.60
C GLY A 264 -21.21 13.27 20.15
N VAL A 265 -22.14 13.13 19.23
CA VAL A 265 -21.82 13.12 17.81
C VAL A 265 -22.24 14.45 17.20
N ARG A 266 -21.37 15.03 16.40
CA ARG A 266 -21.67 16.28 15.71
C ARG A 266 -21.20 16.17 14.27
N SER A 267 -21.30 17.27 13.54
CA SER A 267 -20.83 17.31 12.17
C SER A 267 -19.33 17.09 12.12
N LEU A 268 -18.84 16.69 10.96
CA LEU A 268 -17.42 16.68 10.69
C LEU A 268 -17.07 17.88 9.82
N ASP A 269 -16.20 18.75 10.32
CA ASP A 269 -15.73 19.90 9.57
C ASP A 269 -14.46 19.49 8.84
N PHE A 270 -14.51 19.46 7.52
CA PHE A 270 -13.40 18.95 6.72
C PHE A 270 -12.57 20.12 6.23
N PHE A 271 -11.38 20.25 6.79
CA PHE A 271 -10.40 21.22 6.31
C PHE A 271 -9.44 20.50 5.37
N THR A 272 -9.10 21.16 4.28
CA THR A 272 -8.20 20.61 3.29
C THR A 272 -7.14 21.65 2.98
N VAL A 273 -5.95 21.18 2.63
CA VAL A 273 -4.79 22.05 2.50
C VAL A 273 -4.30 22.04 1.05
N ASP A 274 -4.03 23.22 0.53
CA ASP A 274 -3.54 23.39 -0.83
C ASP A 274 -2.01 23.50 -0.79
N PHE A 275 -1.33 22.50 -1.32
CA PHE A 275 0.12 22.45 -1.35
C PHE A 275 0.69 22.85 -2.71
N ASN A 276 -0.14 23.42 -3.57
CA ASN A 276 0.23 23.78 -4.95
C ASN A 276 0.68 22.57 -5.76
N GLU A 277 0.20 21.40 -5.47
CA GLU A 277 0.67 20.25 -6.22
C GLU A 277 2.19 20.26 -6.09
N ASP A 278 2.69 20.16 -4.85
CA ASP A 278 4.16 20.15 -4.65
C ASP A 278 4.59 18.70 -4.60
N ILE A 279 5.74 18.36 -5.15
CA ILE A 279 6.17 16.93 -5.25
C ILE A 279 6.96 16.53 -4.01
N THR A 280 6.26 16.08 -2.97
CA THR A 280 6.85 15.68 -1.68
C THR A 280 7.65 14.40 -1.77
N ALA A 281 7.27 13.43 -2.57
CA ALA A 281 7.96 12.14 -2.54
C ALA A 281 9.36 12.32 -3.04
N PHE A 282 9.56 13.30 -3.90
CA PHE A 282 10.87 13.50 -4.51
C PHE A 282 11.67 14.59 -3.84
N HIS A 283 11.13 15.27 -2.84
CA HIS A 283 11.85 16.32 -2.14
C HIS A 283 11.54 16.19 -0.65
N GLY A 284 12.57 16.24 0.18
CA GLY A 284 12.38 16.04 1.60
C GLY A 284 12.14 17.32 2.35
N GLN A 285 12.75 18.40 1.88
CA GLN A 285 12.47 19.70 2.47
C GLN A 285 11.04 20.12 2.22
N THR A 286 10.47 19.69 1.09
CA THR A 286 9.04 19.89 0.86
C THR A 286 8.22 19.19 1.93
N LEU A 287 8.58 17.94 2.25
CA LEU A 287 7.86 17.20 3.27
C LEU A 287 7.94 17.89 4.63
N LEU A 288 9.13 18.35 5.01
CA LEU A 288 9.28 19.04 6.29
C LEU A 288 8.51 20.35 6.30
N ASP A 289 8.55 21.10 5.20
CA ASP A 289 7.79 22.34 5.11
C ASP A 289 6.31 22.09 5.26
N GLN A 290 5.80 21.04 4.63
CA GLN A 290 4.39 20.72 4.73
C GLN A 290 4.01 20.35 6.15
N ALA A 291 4.86 19.56 6.82
CA ALA A 291 4.55 19.18 8.20
C ALA A 291 4.52 20.40 9.11
N GLU A 292 5.49 21.31 8.96
CA GLU A 292 5.50 22.51 9.79
C GLU A 292 4.29 23.40 9.52
N TYR A 293 3.95 23.59 8.25
CA TYR A 293 2.78 24.36 7.89
C TYR A 293 1.53 23.76 8.51
N LEU A 294 1.42 22.43 8.49
CA LEU A 294 0.19 21.81 8.99
C LEU A 294 0.11 21.83 10.50
N ASN A 295 1.23 21.82 11.20
CA ASN A 295 1.17 22.04 12.65
C ASN A 295 0.65 23.43 12.96
N GLU A 296 1.14 24.44 12.24
CA GLU A 296 0.61 25.78 12.44
C GLU A 296 -0.87 25.85 12.04
N ALA A 297 -1.23 25.14 10.98
CA ALA A 297 -2.61 25.12 10.52
C ALA A 297 -3.53 24.49 11.55
N ILE A 298 -3.05 23.45 12.23
CA ILE A 298 -3.86 22.85 13.30
C ILE A 298 -4.06 23.83 14.43
N ARG A 299 -3.03 24.59 14.79
CA ARG A 299 -3.25 25.65 15.79
C ARG A 299 -4.34 26.62 15.33
N TYR A 300 -4.29 27.05 14.07
CA TYR A 300 -5.31 27.98 13.59
C TYR A 300 -6.70 27.35 13.61
N ILE A 301 -6.81 26.10 13.18
CA ILE A 301 -8.09 25.41 13.15
C ILE A 301 -8.68 25.31 14.54
N LEU A 302 -7.87 24.93 15.52
CA LEU A 302 -8.37 24.85 16.89
C LEU A 302 -8.67 26.22 17.46
N SER A 303 -8.02 27.28 16.97
CA SER A 303 -8.39 28.62 17.39
C SER A 303 -9.74 29.04 16.82
N LEU A 304 -10.10 28.48 15.67
CA LEU A 304 -11.40 28.82 15.06
C LEU A 304 -12.56 28.50 16.00
N TYR A 305 -12.45 27.43 16.78
CA TYR A 305 -13.52 26.99 17.66
C TYR A 305 -13.60 27.82 18.93
N LEU A 306 -12.86 28.91 19.01
CA LEU A 306 -12.93 29.84 20.12
C LEU A 306 -13.65 31.12 19.76
N ASP A 307 -13.98 31.32 18.49
CA ASP A 307 -14.49 32.59 17.99
C ASP A 307 -15.99 32.47 17.80
N PRO A 308 -16.80 33.26 18.52
CA PRO A 308 -18.25 33.18 18.32
C PRO A 308 -18.69 33.54 16.91
N ARG A 309 -17.91 34.37 16.20
CA ARG A 309 -18.29 34.77 14.85
C ARG A 309 -18.04 33.67 13.83
N VAL A 310 -17.34 32.61 14.21
CA VAL A 310 -16.98 31.54 13.28
C VAL A 310 -17.46 30.17 13.76
N SER A 311 -17.76 30.01 15.04
CA SER A 311 -18.14 28.70 15.57
C SER A 311 -19.50 28.77 16.23
N GLU A 312 -20.38 27.83 15.86
CA GLU A 312 -21.67 27.69 16.54
C GLU A 312 -21.64 26.29 17.14
N ARG A 313 -21.53 26.20 18.45
CA ARG A 313 -21.50 24.92 19.15
C ARG A 313 -22.27 25.05 20.45
N ASP A 314 -22.58 23.92 21.06
CA ASP A 314 -23.21 23.95 22.36
C ASP A 314 -22.26 24.57 23.38
N PRO A 315 -22.77 25.40 24.30
CA PRO A 315 -21.85 26.10 25.21
C PRO A 315 -21.22 25.17 26.25
N ASP A 316 -21.82 24.01 26.50
CA ASP A 316 -21.30 23.12 27.53
C ASP A 316 -20.22 22.21 26.99
N LEU A 317 -19.94 22.26 25.69
CA LEU A 317 -18.95 21.38 25.11
C LEU A 317 -17.55 21.86 25.45
N PRO A 318 -16.59 20.96 25.64
CA PRO A 318 -15.20 21.37 25.82
C PRO A 318 -14.63 21.94 24.54
N ASP A 319 -13.57 22.72 24.69
CA ASP A 319 -12.89 23.26 23.53
C ASP A 319 -12.09 22.16 22.84
N PRO A 320 -12.15 22.08 21.51
CA PRO A 320 -11.38 21.04 20.81
C PRO A 320 -9.89 21.25 20.98
N THR A 321 -9.19 20.16 21.28
CA THR A 321 -7.73 20.21 21.38
C THR A 321 -7.06 19.22 20.43
N SER A 322 -7.82 18.57 19.56
CA SER A 322 -7.24 17.60 18.64
C SER A 322 -7.96 17.70 17.31
N VAL A 323 -7.24 17.32 16.26
CA VAL A 323 -7.78 17.22 14.92
C VAL A 323 -7.60 15.79 14.45
N ILE A 324 -8.58 15.29 13.69
CA ILE A 324 -8.48 14.00 13.02
C ILE A 324 -7.80 14.24 11.68
N VAL A 325 -6.74 13.49 11.42
CA VAL A 325 -5.96 13.66 10.18
C VAL A 325 -6.20 12.51 9.22
N LEU A 326 -6.68 12.80 8.02
CA LEU A 326 -6.84 11.76 6.97
C LEU A 326 -5.82 12.12 5.90
N GLY A 327 -4.91 11.23 5.59
CA GLY A 327 -3.87 11.55 4.61
C GLY A 327 -3.85 10.61 3.45
N HIS A 328 -3.63 11.11 2.26
CA HIS A 328 -3.56 10.27 1.07
C HIS A 328 -2.15 10.21 0.53
N ALA A 329 -1.60 9.03 0.33
CA ALA A 329 -0.26 8.84 -0.22
C ALA A 329 0.76 9.50 0.69
N MET A 330 1.54 10.42 0.17
CA MET A 330 2.63 11.03 0.94
C MET A 330 2.03 11.91 2.02
N GLY A 331 0.73 12.14 2.00
CA GLY A 331 0.02 12.84 3.07
C GLY A 331 0.02 12.08 4.35
N GLY A 332 -0.01 10.77 4.31
CA GLY A 332 0.09 9.94 5.51
C GLY A 332 1.43 10.09 6.14
N ILE A 333 2.45 10.26 5.34
CA ILE A 333 3.83 10.53 5.82
C ILE A 333 3.92 11.91 6.41
N VAL A 334 3.30 12.93 5.82
CA VAL A 334 3.28 14.31 6.37
C VAL A 334 2.59 14.25 7.71
N ALA A 335 1.57 13.43 7.83
CA ALA A 335 0.81 13.27 9.06
C ALA A 335 1.68 12.68 10.15
N ARG A 336 2.48 11.67 9.82
CA ARG A 336 3.41 11.10 10.78
C ARG A 336 4.60 12.02 11.03
N THR A 337 5.05 12.73 9.99
CA THR A 337 6.13 13.68 10.16
C THR A 337 5.72 14.82 11.06
N MET A 338 4.43 15.11 11.14
CA MET A 338 3.95 16.26 11.89
C MET A 338 4.18 16.06 13.38
N LEU A 339 4.21 14.81 13.83
CA LEU A 339 4.31 14.54 15.27
C LEU A 339 5.75 14.58 15.75
N ILE A 340 6.73 14.64 14.85
CA ILE A 340 8.12 14.76 15.25
C ILE A 340 8.68 16.15 15.05
N MET A 341 7.94 17.04 14.43
CA MET A 341 8.44 18.38 14.18
C MET A 341 8.49 19.20 15.48
N PRO A 342 9.41 20.16 15.57
CA PRO A 342 9.55 20.92 16.82
C PRO A 342 8.37 21.79 17.18
N ASN A 343 7.54 22.18 16.21
CA ASN A 343 6.37 23.01 16.49
C ASN A 343 5.11 22.18 16.69
N TYR A 344 5.24 20.88 16.84
CA TYR A 344 4.10 20.05 17.14
C TYR A 344 3.56 20.39 18.52
N GLN A 345 2.25 20.53 18.62
CA GLN A 345 1.57 20.77 19.88
C GLN A 345 1.12 19.43 20.42
N HIS A 346 1.54 19.11 21.64
CA HIS A 346 1.27 17.78 22.19
C HIS A 346 -0.22 17.55 22.32
N ASN A 347 -0.62 16.29 22.12
CA ASN A 347 -2.00 15.83 22.23
C ASN A 347 -2.91 16.46 21.20
N SER A 348 -2.34 17.02 20.13
CA SER A 348 -3.13 17.68 19.10
C SER A 348 -3.55 16.74 17.98
N ILE A 349 -3.01 15.54 17.95
CA ILE A 349 -3.41 14.51 17.00
C ILE A 349 -3.47 13.19 17.74
N ASN A 350 -4.56 12.46 17.57
CA ASN A 350 -4.66 11.15 18.19
C ASN A 350 -5.17 10.12 17.18
N THR A 351 -5.78 10.59 16.10
CA THR A 351 -6.33 9.72 15.07
C THR A 351 -5.71 10.06 13.73
N ILE A 352 -4.97 9.11 13.17
CA ILE A 352 -4.46 9.22 11.80
C ILE A 352 -4.99 8.06 11.01
N ILE A 353 -5.65 8.35 9.90
CA ILE A 353 -6.04 7.34 8.92
C ILE A 353 -5.40 7.73 7.61
N THR A 354 -4.64 6.81 7.03
CA THR A 354 -3.92 7.07 5.78
C THR A 354 -4.42 6.12 4.72
N MET A 355 -4.61 6.64 3.51
CA MET A 355 -5.07 5.86 2.37
C MET A 355 -3.92 5.70 1.39
N SER A 356 -3.40 4.48 1.27
CA SER A 356 -2.36 4.14 0.29
C SER A 356 -1.08 4.94 0.54
N ALA A 357 -0.64 4.99 1.79
CA ALA A 357 0.55 5.73 2.15
C ALA A 357 1.71 4.78 2.38
N PRO A 358 2.88 5.05 1.80
CA PRO A 358 4.05 4.17 1.98
C PRO A 358 4.75 4.37 3.32
N HIS A 359 4.21 3.75 4.36
CA HIS A 359 4.74 3.96 5.70
C HIS A 359 6.06 3.23 5.90
N ALA A 360 6.20 2.04 5.32
CA ALA A 360 7.36 1.22 5.63
C ALA A 360 8.61 1.74 4.95
N ARG A 361 8.47 2.37 3.79
CA ARG A 361 9.62 2.63 2.95
C ARG A 361 9.35 3.78 2.02
N PRO A 362 10.34 4.63 1.75
CA PRO A 362 10.16 5.68 0.75
C PRO A 362 9.85 5.10 -0.61
N PRO A 363 8.98 5.73 -1.39
CA PRO A 363 8.70 5.22 -2.74
C PRO A 363 9.92 5.26 -3.65
N VAL A 364 10.63 6.39 -3.68
CA VAL A 364 11.92 6.49 -4.34
C VAL A 364 12.89 7.14 -3.37
N SER A 365 14.18 6.84 -3.54
CA SER A 365 15.21 7.36 -2.66
C SER A 365 16.12 8.35 -3.38
N PHE A 366 15.55 9.15 -4.28
CA PHE A 366 16.35 10.11 -5.03
C PHE A 366 16.80 11.29 -4.20
N ASP A 367 16.14 11.56 -3.07
CA ASP A 367 16.52 12.66 -2.19
C ASP A 367 16.95 12.08 -0.85
N GLY A 368 18.05 12.60 -0.32
CA GLY A 368 18.54 12.11 0.95
C GLY A 368 17.71 12.59 2.13
N GLN A 369 17.01 13.71 1.97
CA GLN A 369 16.16 14.21 3.04
C GLN A 369 14.93 13.35 3.21
N ILE A 370 14.37 12.83 2.13
CA ILE A 370 13.25 11.89 2.24
C ILE A 370 13.67 10.65 3.02
N VAL A 371 14.83 10.09 2.69
CA VAL A 371 15.31 8.90 3.36
C VAL A 371 15.57 9.19 4.84
N GLN A 372 16.18 10.33 5.13
CA GLN A 372 16.45 10.67 6.53
C GLN A 372 15.16 10.90 7.31
N THR A 373 14.17 11.56 6.70
CA THR A 373 12.91 11.78 7.40
C THR A 373 12.16 10.48 7.63
N TYR A 374 12.22 9.56 6.66
CA TYR A 374 11.64 8.24 6.90
C TYR A 374 12.34 7.53 8.05
N LYS A 375 13.66 7.60 8.10
CA LYS A 375 14.37 7.01 9.24
C LYS A 375 13.93 7.66 10.53
N ASP A 376 13.76 8.98 10.53
CA ASP A 376 13.35 9.71 11.73
C ASP A 376 11.98 9.24 12.22
N ILE A 377 10.98 9.23 11.33
CA ILE A 377 9.62 8.91 11.77
C ILE A 377 9.50 7.43 12.12
N ASN A 378 10.12 6.55 11.34
CA ASN A 378 10.05 5.13 11.64
C ASN A 378 10.75 4.82 12.95
N ASN A 379 11.90 5.45 13.20
CA ASN A 379 12.58 5.29 14.47
C ASN A 379 11.74 5.85 15.61
N TYR A 380 11.02 6.95 15.36
CA TYR A 380 10.22 7.57 16.41
C TYR A 380 9.08 6.66 16.85
N TRP A 381 8.30 6.15 15.88
CA TRP A 381 7.30 5.12 16.19
C TRP A 381 7.90 3.90 16.88
N ARG A 382 8.97 3.33 16.35
CA ARG A 382 9.49 2.11 16.95
C ARG A 382 9.96 2.35 18.38
N HIS A 383 10.72 3.42 18.60
CA HIS A 383 11.22 3.72 19.93
C HIS A 383 10.09 4.05 20.89
N ALA A 384 9.09 4.80 20.44
CA ALA A 384 8.00 5.19 21.32
C ALA A 384 7.17 3.99 21.72
N TYR A 385 6.82 3.12 20.77
CA TYR A 385 6.00 1.97 21.11
C TYR A 385 6.79 0.85 21.76
N SER A 386 8.11 0.94 21.77
CA SER A 386 8.94 -0.02 22.48
C SER A 386 9.12 0.32 23.95
N GLN A 387 8.51 1.41 24.42
CA GLN A 387 8.64 1.83 25.81
C GLN A 387 7.69 1.01 26.68
N LYS A 388 8.14 0.68 27.90
CA LYS A 388 7.32 -0.15 28.77
C LYS A 388 6.29 0.67 29.53
N TRP A 389 6.63 1.91 29.88
CA TRP A 389 5.74 2.76 30.66
C TRP A 389 5.04 3.76 29.75
N ALA A 390 3.70 3.78 29.82
CA ALA A 390 2.91 4.58 28.90
C ALA A 390 3.24 6.06 28.99
N ASN A 391 3.64 6.52 30.17
CA ASN A 391 3.99 7.94 30.32
C ASN A 391 5.22 8.29 29.50
N ASP A 392 6.10 7.33 29.27
CA ASP A 392 7.27 7.53 28.42
C ASP A 392 6.96 7.34 26.95
N ASN A 393 5.73 6.98 26.60
CA ASN A 393 5.34 6.72 25.22
C ASN A 393 4.61 7.94 24.67
N PRO A 394 5.26 8.72 23.80
CA PRO A 394 4.59 9.89 23.23
C PRO A 394 3.42 9.53 22.34
N LEU A 395 3.38 8.33 21.80
CA LEU A 395 2.34 7.91 20.87
C LEU A 395 1.33 6.98 21.54
N TRP A 396 1.21 7.08 22.86
CA TRP A 396 0.34 6.17 23.60
C TRP A 396 -1.12 6.35 23.21
N HIS A 397 -1.56 7.59 23.04
CA HIS A 397 -2.95 7.88 22.71
C HIS A 397 -3.19 7.98 21.21
N VAL A 398 -2.20 7.71 20.39
CA VAL A 398 -2.30 7.88 18.95
C VAL A 398 -2.63 6.54 18.31
N THR A 399 -3.64 6.52 17.46
CA THR A 399 -3.98 5.35 16.64
C THR A 399 -3.72 5.68 15.19
N LEU A 400 -3.06 4.77 14.48
CA LEU A 400 -2.79 4.92 13.07
C LEU A 400 -3.39 3.72 12.34
N VAL A 401 -4.27 4.00 11.39
CA VAL A 401 -4.88 2.96 10.56
C VAL A 401 -4.44 3.21 9.12
N SER A 402 -3.81 2.21 8.52
CA SER A 402 -3.30 2.31 7.17
C SER A 402 -4.15 1.46 6.24
N ILE A 403 -4.80 2.10 5.28
CA ILE A 403 -5.62 1.41 4.29
C ILE A 403 -4.87 1.40 2.97
N ALA A 404 -4.75 0.23 2.37
CA ALA A 404 -4.02 0.06 1.13
C ALA A 404 -4.99 -0.30 0.02
N GLY A 405 -4.81 0.31 -1.14
CA GLY A 405 -5.70 0.02 -2.26
C GLY A 405 -5.62 -1.42 -2.72
N GLY A 406 -4.42 -1.98 -2.76
CA GLY A 406 -4.23 -3.35 -3.14
C GLY A 406 -3.46 -3.48 -4.44
N GLY A 407 -3.80 -4.51 -5.20
CA GLY A 407 -3.08 -4.80 -6.43
C GLY A 407 -3.36 -3.85 -7.56
N LEU A 408 -4.46 -3.10 -7.49
CA LEU A 408 -4.79 -2.13 -8.52
C LEU A 408 -4.08 -0.81 -8.33
N ASP A 409 -3.38 -0.63 -7.21
CA ASP A 409 -2.63 0.58 -6.94
C ASP A 409 -1.25 0.44 -7.59
N THR A 410 -1.02 1.19 -8.66
CA THR A 410 0.25 1.14 -9.38
C THR A 410 1.13 2.35 -9.15
N VAL A 411 0.71 3.28 -8.30
CA VAL A 411 1.59 4.41 -7.97
C VAL A 411 2.42 4.10 -6.73
N VAL A 412 1.77 3.70 -5.65
CA VAL A 412 2.43 3.32 -4.41
C VAL A 412 2.26 1.82 -4.25
N PRO A 413 3.33 1.04 -4.11
CA PRO A 413 3.17 -0.38 -3.83
C PRO A 413 2.44 -0.58 -2.52
N SER A 414 1.45 -1.46 -2.53
CA SER A 414 0.68 -1.76 -1.33
C SER A 414 1.50 -2.47 -0.28
N ASP A 415 2.67 -2.97 -0.65
CA ASP A 415 3.60 -3.56 0.29
C ASP A 415 4.17 -2.54 1.26
N TYR A 416 4.29 -1.29 0.84
CA TYR A 416 4.88 -0.24 1.66
C TYR A 416 3.89 0.31 2.67
N ALA A 417 2.60 0.01 2.55
CA ALA A 417 1.60 0.50 3.47
C ALA A 417 1.59 -0.26 4.79
N SER A 418 2.33 -1.35 4.89
CA SER A 418 2.33 -2.15 6.11
C SER A 418 3.01 -1.39 7.24
N ILE A 419 2.26 -1.14 8.30
CA ILE A 419 2.77 -0.51 9.50
C ILE A 419 3.01 -1.53 10.60
N GLU A 420 3.13 -2.80 10.25
CA GLU A 420 3.17 -3.85 11.25
C GLU A 420 4.45 -3.77 12.07
N SER A 421 5.53 -3.27 11.47
CA SER A 421 6.79 -3.07 12.16
C SER A 421 6.86 -1.73 12.89
N LEU A 422 5.81 -0.92 12.81
CA LEU A 422 5.79 0.41 13.40
C LEU A 422 4.81 0.56 14.54
N VAL A 423 3.62 -0.02 14.42
CA VAL A 423 2.52 0.19 15.36
C VAL A 423 2.11 -1.17 15.91
N PRO A 424 2.03 -1.35 17.23
CA PRO A 424 1.49 -2.59 17.76
C PRO A 424 0.00 -2.71 17.49
N ASP A 425 -0.51 -3.93 17.56
CA ASP A 425 -1.89 -4.18 17.19
C ASP A 425 -2.87 -3.45 18.09
N THR A 426 -2.42 -3.00 19.26
CA THR A 426 -3.31 -2.27 20.16
C THR A 426 -3.54 -0.84 19.69
N HIS A 427 -2.71 -0.34 18.79
CA HIS A 427 -2.78 1.04 18.36
C HIS A 427 -3.00 1.22 16.88
N GLY A 428 -3.00 0.17 16.09
CA GLY A 428 -3.28 0.33 14.68
C GLY A 428 -3.12 -0.95 13.93
N PHE A 429 -3.54 -0.92 12.66
CA PHE A 429 -3.41 -2.07 11.79
C PHE A 429 -3.37 -1.59 10.34
N THR A 430 -2.95 -2.49 9.47
CA THR A 430 -2.98 -2.27 8.03
C THR A 430 -4.09 -3.12 7.45
N VAL A 431 -4.97 -2.50 6.68
CA VAL A 431 -6.12 -3.17 6.09
C VAL A 431 -6.12 -2.86 4.60
N PHE A 432 -6.52 -3.84 3.80
CA PHE A 432 -6.69 -3.65 2.37
C PHE A 432 -8.16 -3.45 2.06
N THR A 433 -8.44 -2.72 0.99
CA THR A 433 -9.83 -2.43 0.67
C THR A 433 -10.59 -3.66 0.22
N SER A 434 -9.89 -4.76 -0.09
CA SER A 434 -10.58 -5.97 -0.52
C SER A 434 -11.18 -6.71 0.65
N THR A 435 -10.73 -6.42 1.87
CA THR A 435 -11.28 -7.05 3.06
C THR A 435 -12.25 -6.18 3.83
N ILE A 436 -12.45 -4.93 3.41
CA ILE A 436 -13.37 -4.03 4.10
C ILE A 436 -14.79 -4.47 3.76
N PRO A 437 -15.62 -4.78 4.75
CA PRO A 437 -16.99 -5.24 4.46
C PRO A 437 -17.78 -4.18 3.70
N ASN A 438 -18.60 -4.64 2.77
CA ASN A 438 -19.42 -3.84 1.88
C ASN A 438 -18.58 -3.01 0.93
N VAL A 439 -17.29 -3.32 0.80
CA VAL A 439 -16.44 -2.68 -0.20
C VAL A 439 -15.88 -3.78 -1.08
N TRP A 440 -15.06 -4.65 -0.49
CA TRP A 440 -14.63 -5.91 -1.10
C TRP A 440 -14.04 -5.70 -2.50
N THR A 441 -13.33 -4.61 -2.70
CA THR A 441 -12.74 -4.36 -4.01
C THR A 441 -11.37 -3.74 -3.84
N SER A 442 -10.52 -3.99 -4.83
CA SER A 442 -9.24 -3.31 -4.90
C SER A 442 -9.41 -1.97 -5.62
N MET A 443 -8.48 -1.06 -5.37
CA MET A 443 -8.65 0.32 -5.80
C MET A 443 -7.35 0.88 -6.34
N ASP A 444 -7.49 1.90 -7.18
CA ASP A 444 -6.36 2.68 -7.65
C ASP A 444 -5.80 3.52 -6.51
N HIS A 445 -4.88 4.37 -6.87
CA HIS A 445 -4.32 5.25 -5.86
C HIS A 445 -5.34 6.37 -5.76
N GLN A 446 -5.96 6.73 -6.87
CA GLN A 446 -6.83 7.91 -6.92
C GLN A 446 -8.26 7.48 -6.61
N ALA A 447 -8.61 6.24 -6.94
CA ALA A 447 -9.95 5.76 -6.72
C ALA A 447 -10.27 5.50 -5.26
N ILE A 448 -9.26 5.44 -4.39
CA ILE A 448 -9.52 5.17 -2.98
C ILE A 448 -10.21 6.35 -2.33
N LEU A 449 -10.14 7.53 -2.95
CA LEU A 449 -10.78 8.69 -2.38
C LEU A 449 -12.22 8.84 -2.85
N TRP A 450 -12.48 8.57 -4.13
CA TRP A 450 -13.80 8.82 -4.69
C TRP A 450 -14.68 7.59 -4.79
N CYS A 451 -14.20 6.42 -4.37
CA CYS A 451 -15.02 5.23 -4.38
C CYS A 451 -16.23 5.43 -3.49
N ASP A 452 -17.42 5.10 -4.00
CA ASP A 452 -18.64 5.33 -3.23
C ASP A 452 -18.72 4.38 -2.03
N GLN A 453 -18.51 3.10 -2.26
CA GLN A 453 -18.61 2.12 -1.19
C GLN A 453 -17.60 2.39 -0.10
N PHE A 454 -16.39 2.80 -0.47
CA PHE A 454 -15.36 3.03 0.54
C PHE A 454 -15.61 4.30 1.31
N ARG A 455 -16.08 5.36 0.65
CA ARG A 455 -16.30 6.61 1.35
C ARG A 455 -17.44 6.46 2.35
N LYS A 456 -18.46 5.68 2.02
CA LYS A 456 -19.51 5.43 3.00
C LYS A 456 -18.96 4.75 4.25
N VAL A 457 -18.10 3.74 4.06
CA VAL A 457 -17.56 3.01 5.20
C VAL A 457 -16.67 3.90 6.04
N ILE A 458 -15.80 4.68 5.41
CA ILE A 458 -14.88 5.51 6.19
C ILE A 458 -15.65 6.58 6.95
N ILE A 459 -16.72 7.11 6.37
CA ILE A 459 -17.49 8.12 7.08
C ILE A 459 -18.25 7.50 8.25
N ARG A 460 -18.79 6.30 8.08
CA ARG A 460 -19.44 5.63 9.20
C ARG A 460 -18.46 5.37 10.33
N ALA A 461 -17.25 4.90 9.99
CA ALA A 461 -16.24 4.68 11.02
C ALA A 461 -15.84 5.98 11.72
N LEU A 462 -15.70 7.07 10.96
CA LEU A 462 -15.34 8.34 11.56
C LEU A 462 -16.46 8.86 12.47
N PHE A 463 -17.71 8.59 12.11
CA PHE A 463 -18.82 9.04 12.94
C PHE A 463 -19.01 8.16 14.16
N ASP A 464 -18.49 6.93 14.17
CA ASP A 464 -18.56 6.11 15.37
C ASP A 464 -17.43 6.35 16.36
N ILE A 465 -16.47 7.23 16.05
CA ILE A 465 -15.40 7.52 17.00
C ILE A 465 -15.50 8.90 17.62
N VAL A 466 -16.22 9.84 17.00
CA VAL A 466 -16.22 11.20 17.49
C VAL A 466 -16.98 11.29 18.81
N ASP A 467 -16.53 12.20 19.67
CA ASP A 467 -17.13 12.43 20.98
C ASP A 467 -16.81 13.88 21.35
N VAL A 468 -17.78 14.77 21.13
CA VAL A 468 -17.55 16.19 21.42
C VAL A 468 -17.60 16.50 22.90
N HIS A 469 -17.94 15.52 23.74
CA HIS A 469 -17.90 15.74 25.18
C HIS A 469 -16.49 15.67 25.72
N ARG A 470 -15.55 15.16 24.93
CA ARG A 470 -14.14 15.11 25.28
C ARG A 470 -13.39 16.17 24.49
N ALA A 471 -12.42 16.82 25.14
CA ALA A 471 -11.68 17.89 24.48
C ALA A 471 -10.96 17.37 23.25
N SER A 472 -10.34 16.20 23.35
CA SER A 472 -9.95 15.46 22.15
C SER A 472 -11.20 14.86 21.56
N GLN A 473 -11.55 15.25 20.34
CA GLN A 473 -12.91 15.05 19.88
C GLN A 473 -13.15 13.63 19.41
N THR A 474 -12.74 12.65 20.21
CA THR A 474 -12.83 11.25 19.85
C THR A 474 -13.00 10.42 21.11
N LYS A 475 -13.40 9.17 20.92
CA LYS A 475 -13.51 8.22 22.00
C LYS A 475 -12.12 7.78 22.45
N PRO A 476 -12.00 7.19 23.64
CA PRO A 476 -10.68 6.69 24.09
C PRO A 476 -10.05 5.72 23.10
N ARG A 477 -8.74 5.50 23.26
CA ARG A 477 -7.97 4.79 22.24
C ARG A 477 -8.50 3.38 22.00
N ALA A 478 -8.82 2.66 23.08
CA ALA A 478 -9.29 1.29 22.91
C ALA A 478 -10.64 1.25 22.20
N GLN A 479 -11.52 2.20 22.50
CA GLN A 479 -12.82 2.24 21.83
C GLN A 479 -12.66 2.57 20.35
N ARG A 480 -11.76 3.50 20.02
CA ARG A 480 -11.47 3.78 18.62
C ARG A 480 -10.96 2.55 17.92
N MET A 481 -10.07 1.80 18.57
CA MET A 481 -9.54 0.60 17.92
C MET A 481 -10.64 -0.42 17.70
N ARG A 482 -11.54 -0.58 18.66
CA ARG A 482 -12.66 -1.51 18.50
C ARG A 482 -13.57 -1.09 17.36
N VAL A 483 -13.84 0.21 17.24
CA VAL A 483 -14.70 0.68 16.15
C VAL A 483 -14.03 0.51 14.80
N PHE A 484 -12.74 0.82 14.72
CA PHE A 484 -12.02 0.66 13.46
C PHE A 484 -11.98 -0.80 13.04
N LYS A 485 -11.79 -1.70 14.00
CA LYS A 485 -11.84 -3.11 13.70
C LYS A 485 -13.22 -3.53 13.22
N LYS A 486 -14.28 -2.98 13.82
CA LYS A 486 -15.63 -3.33 13.38
C LYS A 486 -15.88 -2.88 11.95
N TRP A 487 -15.44 -1.67 11.59
CA TRP A 487 -15.83 -1.12 10.30
C TRP A 487 -14.88 -1.48 9.17
N PHE A 488 -13.61 -1.75 9.47
CA PHE A 488 -12.63 -1.98 8.42
C PHE A 488 -12.23 -3.45 8.27
N LEU A 489 -12.43 -4.27 9.29
CA LEU A 489 -11.94 -5.64 9.30
C LEU A 489 -13.08 -6.61 9.05
N SER A 490 -12.71 -7.81 8.62
CA SER A 490 -13.71 -8.80 8.22
C SER A 490 -14.47 -9.35 9.41
N GLY A 491 -13.90 -9.25 10.60
CA GLY A 491 -14.48 -9.83 11.79
C GLY A 491 -14.06 -11.26 12.05
N MET A 492 -13.37 -11.90 11.11
CA MET A 492 -12.89 -13.25 11.28
C MET A 492 -11.42 -13.29 11.68
N GLU A 493 -10.86 -12.16 12.11
CA GLU A 493 -9.48 -12.09 12.54
C GLU A 493 -9.35 -12.58 13.97
N THR A 494 -8.10 -12.85 14.36
CA THR A 494 -7.83 -13.23 15.74
C THR A 494 -8.04 -12.06 16.69
N VAL A 495 -7.77 -10.84 16.23
CA VAL A 495 -7.96 -9.66 17.05
C VAL A 495 -9.43 -9.25 17.14
N ALA A 496 -10.32 -9.96 16.46
CA ALA A 496 -11.74 -9.66 16.53
C ALA A 496 -12.27 -9.96 17.94
N GLU A 497 -13.17 -9.11 18.41
CA GLU A 497 -13.73 -9.20 19.75
C GLU A 497 -15.18 -9.66 19.66
N LYS A 498 -15.56 -10.60 20.53
CA LYS A 498 -16.90 -11.15 20.55
C LYS A 498 -17.67 -10.53 21.72
N ILE A 499 -18.78 -9.87 21.41
CA ILE A 499 -19.50 -9.10 22.42
C ILE A 499 -20.62 -9.92 23.04
N ALA A 500 -21.41 -10.59 22.20
CA ALA A 500 -22.60 -11.29 22.70
C ALA A 500 -22.34 -12.34 23.77
N PRO A 501 -21.28 -13.17 23.71
CA PRO A 501 -21.16 -14.24 24.71
C PRO A 501 -21.18 -13.76 26.15
N THR A 502 -20.63 -12.59 26.43
CA THR A 502 -20.49 -12.11 27.80
C THR A 502 -21.19 -10.77 28.03
N SER A 503 -22.22 -10.46 27.27
CA SER A 503 -22.94 -9.21 27.45
C SER A 503 -24.25 -9.49 28.21
N ASP A 504 -25.03 -8.43 28.42
CA ASP A 504 -26.27 -8.52 29.19
C ASP A 504 -27.39 -9.11 28.35
N PRO A 505 -28.14 -10.05 28.92
CA PRO A 505 -29.25 -10.65 28.18
C PRO A 505 -30.31 -9.61 27.81
N THR A 506 -30.87 -9.76 26.62
CA THR A 506 -31.77 -8.76 26.05
C THR A 506 -33.18 -9.26 25.84
N THR A 507 -33.43 -10.52 26.18
CA THR A 507 -34.77 -11.13 26.01
C THR A 507 -34.88 -12.37 26.88
N LEU A 508 -36.10 -12.68 27.32
CA LEU A 508 -36.35 -13.94 28.05
C LEU A 508 -37.29 -14.72 27.15
N LEU A 509 -36.97 -15.97 26.83
CA LEU A 509 -37.78 -16.75 25.88
C LEU A 509 -38.46 -17.85 26.66
N ILE A 510 -39.77 -17.98 26.51
CA ILE A 510 -40.45 -18.96 27.25
C ILE A 510 -40.86 -19.95 26.25
N VAL A 511 -40.56 -21.19 26.50
CA VAL A 511 -40.78 -22.18 25.51
C VAL A 511 -41.31 -23.35 26.26
N ASP A 512 -42.16 -24.15 25.62
CA ASP A 512 -42.73 -25.31 26.27
C ASP A 512 -41.69 -26.31 26.68
N ASP A 513 -42.02 -27.27 27.54
CA ASP A 513 -41.13 -28.34 27.95
C ASP A 513 -41.19 -29.54 27.02
N LYS A 514 -42.11 -29.55 26.05
CA LYS A 514 -42.23 -30.69 25.13
C LYS A 514 -40.97 -30.89 24.31
N SER A 515 -40.09 -29.89 24.25
CA SER A 515 -38.80 -29.97 23.59
C SER A 515 -38.91 -30.23 22.10
N ASP A 516 -40.01 -29.79 21.47
CA ASP A 516 -40.08 -29.82 20.02
C ASP A 516 -39.07 -28.85 19.42
N SER A 517 -38.89 -27.69 20.06
CA SER A 517 -37.89 -26.73 19.60
C SER A 517 -36.47 -27.27 19.82
N ILE A 518 -36.23 -27.91 20.95
CA ILE A 518 -34.89 -28.37 21.30
C ILE A 518 -34.54 -29.56 20.42
N THR A 519 -33.50 -29.41 19.61
CA THR A 519 -33.09 -30.47 18.69
C THR A 519 -32.01 -31.33 19.32
N ALA A 520 -31.73 -32.46 18.68
CA ALA A 520 -30.67 -33.35 19.15
C ALA A 520 -29.31 -32.75 18.80
N GLU A 521 -28.34 -32.95 19.68
CA GLU A 521 -27.00 -32.45 19.41
C GLU A 521 -26.41 -33.16 18.20
N GLY A 522 -25.58 -32.44 17.45
CA GLY A 522 -24.94 -33.01 16.28
C GLY A 522 -25.77 -32.95 15.02
N GLU A 523 -26.86 -32.19 15.00
CA GLU A 523 -27.69 -32.02 13.82
C GLU A 523 -27.57 -30.60 13.34
N ARG A 524 -27.30 -30.53 11.99
CA ARG A 524 -27.29 -29.20 11.38
C ARG A 524 -28.71 -28.67 11.41
N LEU A 525 -28.88 -27.32 11.63
CA LEU A 525 -30.19 -26.70 11.46
C LEU A 525 -30.24 -26.05 10.08
N VAL A 526 -31.11 -26.57 9.21
CA VAL A 526 -31.27 -26.06 7.86
C VAL A 526 -32.70 -25.60 7.70
N LEU A 527 -32.88 -24.31 7.45
CA LEU A 527 -34.17 -23.71 7.15
C LEU A 527 -34.12 -23.27 5.70
N ARG A 528 -34.76 -24.03 4.81
CA ARG A 528 -34.73 -23.68 3.40
C ARG A 528 -35.69 -22.55 3.07
N GLU A 529 -36.78 -22.40 3.81
CA GLU A 529 -37.67 -21.25 3.66
C GLU A 529 -37.98 -20.72 5.04
N LEU A 530 -38.31 -19.43 5.10
CA LEU A 530 -38.69 -18.77 6.33
C LEU A 530 -40.19 -18.55 6.35
N GLY A 531 -40.83 -18.95 7.43
CA GLY A 531 -42.26 -18.78 7.57
C GLY A 531 -43.11 -19.91 7.03
N THR A 532 -42.64 -21.15 7.09
CA THR A 532 -43.46 -22.27 6.62
C THR A 532 -44.66 -22.49 7.54
N GLN A 533 -44.44 -22.42 8.85
CA GLN A 533 -45.51 -22.78 9.79
C GLN A 533 -46.58 -21.69 9.87
N GLY A 534 -46.18 -20.43 9.84
CA GLY A 534 -47.12 -19.34 9.98
C GLY A 534 -47.19 -18.72 11.35
N SER A 535 -46.28 -19.09 12.26
CA SER A 535 -46.21 -18.49 13.57
C SER A 535 -44.74 -18.28 13.92
N VAL A 536 -44.50 -17.44 14.93
CA VAL A 536 -43.15 -17.26 15.43
C VAL A 536 -42.66 -18.58 16.01
N ARG A 537 -41.50 -19.02 15.53
CA ARG A 537 -40.93 -20.30 15.94
C ARG A 537 -39.59 -20.06 16.62
N ALA A 538 -39.23 -20.98 17.52
CA ALA A 538 -37.90 -21.01 18.11
C ALA A 538 -37.26 -22.34 17.76
N HIS A 539 -36.06 -22.30 17.21
CA HIS A 539 -35.23 -23.47 17.03
C HIS A 539 -34.07 -23.35 18.01
N LEU A 540 -34.07 -24.19 19.03
CA LEU A 540 -33.05 -24.18 20.06
C LEU A 540 -32.04 -25.28 19.76
N MET A 541 -30.79 -24.90 19.59
CA MET A 541 -29.72 -25.87 19.35
C MET A 541 -28.89 -25.99 20.61
N PRO A 542 -28.89 -27.16 21.27
CA PRO A 542 -28.09 -27.31 22.49
C PRO A 542 -26.60 -27.21 22.20
N ILE A 543 -25.90 -26.47 23.03
CA ILE A 543 -24.45 -26.32 22.89
C ILE A 543 -23.78 -27.56 23.47
N PRO A 544 -22.89 -28.22 22.72
CA PRO A 544 -22.29 -29.44 23.22
C PRO A 544 -21.47 -29.16 24.47
N PRO A 545 -21.36 -30.13 25.37
CA PRO A 545 -20.59 -29.94 26.60
C PRO A 545 -19.11 -29.75 26.30
N PRO A 546 -18.41 -28.95 27.11
CA PRO A 546 -16.97 -28.72 26.86
C PRO A 546 -16.09 -29.88 27.29
N GLY A 547 -16.65 -31.03 27.64
CA GLY A 547 -15.84 -32.13 28.12
C GLY A 547 -14.86 -32.65 27.08
N SER A 548 -15.26 -32.64 25.82
CA SER A 548 -14.40 -33.14 24.76
C SER A 548 -13.17 -32.26 24.63
N PRO A 549 -11.99 -32.84 24.36
CA PRO A 549 -10.77 -32.01 24.32
C PRO A 549 -10.60 -31.20 23.06
N GLU A 550 -11.07 -31.72 21.92
CA GLU A 550 -10.83 -31.08 20.64
C GLU A 550 -11.66 -29.80 20.51
N LEU A 551 -11.08 -28.82 19.80
CA LEU A 551 -11.73 -27.53 19.61
C LEU A 551 -12.93 -27.66 18.69
N LYS A 552 -14.02 -26.98 19.05
CA LYS A 552 -15.26 -27.01 18.28
C LYS A 552 -15.74 -25.59 18.06
N ARG A 553 -16.45 -25.37 16.95
CA ARG A 553 -16.95 -24.06 16.57
C ARG A 553 -18.43 -24.15 16.26
N PHE A 554 -19.14 -23.06 16.54
CA PHE A 554 -20.51 -22.90 16.07
C PHE A 554 -20.50 -21.91 14.91
N THR A 555 -21.03 -22.34 13.77
CA THR A 555 -21.10 -21.49 12.58
C THR A 555 -22.54 -21.41 12.11
N LEU A 556 -22.99 -20.19 11.82
CA LEU A 556 -24.32 -19.94 11.27
C LEU A 556 -24.17 -19.05 10.05
N LEU A 557 -24.82 -19.43 8.95
CA LEU A 557 -24.86 -18.63 7.74
C LEU A 557 -26.31 -18.44 7.32
N THR A 558 -26.68 -17.19 7.04
CA THR A 558 -28.00 -16.87 6.53
C THR A 558 -27.86 -15.70 5.56
N ASP A 559 -28.81 -15.63 4.63
CA ASP A 559 -28.89 -14.51 3.70
C ASP A 559 -29.87 -13.45 4.18
N THR A 560 -30.53 -13.67 5.31
CA THR A 560 -31.51 -12.75 5.84
C THR A 560 -30.88 -11.89 6.92
N LYS A 561 -31.25 -10.61 6.95
CA LYS A 561 -30.71 -9.70 7.94
C LYS A 561 -31.17 -10.12 9.33
N LEU A 562 -30.23 -10.14 10.28
CA LEU A 562 -30.53 -10.52 11.65
C LEU A 562 -31.05 -9.33 12.43
N ASP A 563 -32.10 -9.56 13.20
CA ASP A 563 -32.73 -8.49 13.96
C ASP A 563 -31.83 -7.99 15.08
N LYS A 564 -31.77 -6.67 15.24
CA LYS A 564 -31.15 -6.06 16.40
C LYS A 564 -32.04 -6.30 17.61
N PRO A 565 -31.50 -6.19 18.83
CA PRO A 565 -32.35 -6.36 20.02
C PRO A 565 -33.50 -5.35 20.02
N GLY A 566 -34.67 -5.83 20.44
CA GLY A 566 -35.86 -5.00 20.44
C GLY A 566 -36.31 -4.58 19.06
N GLU A 567 -36.31 -5.51 18.11
CA GLU A 567 -36.69 -5.23 16.73
C GLU A 567 -37.43 -6.44 16.17
N ASN A 568 -38.37 -6.19 15.27
CA ASN A 568 -39.17 -7.23 14.64
C ASN A 568 -38.78 -7.35 13.17
N GLY A 569 -38.36 -8.54 12.77
CA GLY A 569 -37.98 -8.79 11.40
C GLY A 569 -38.30 -10.22 11.03
N LYS A 570 -37.54 -10.73 10.07
CA LYS A 570 -37.76 -12.10 9.60
C LYS A 570 -37.04 -13.12 10.46
N LEU A 571 -35.95 -12.72 11.12
CA LEU A 571 -35.10 -13.69 11.80
C LEU A 571 -34.34 -13.02 12.94
N GLU A 572 -34.20 -13.75 14.05
CA GLU A 572 -33.39 -13.30 15.17
C GLU A 572 -32.65 -14.49 15.76
N VAL A 573 -31.35 -14.33 15.98
CA VAL A 573 -30.49 -15.36 16.53
C VAL A 573 -29.96 -14.86 17.85
N MET A 574 -29.93 -15.73 18.86
CA MET A 574 -29.60 -15.31 20.20
C MET A 574 -29.11 -16.49 21.02
N PHE A 575 -28.19 -16.20 21.95
CA PHE A 575 -27.63 -17.18 22.86
C PHE A 575 -28.48 -17.22 24.12
N CYS A 576 -29.01 -18.39 24.44
CA CYS A 576 -29.96 -18.54 25.54
C CYS A 576 -29.34 -19.31 26.68
N SER A 577 -29.57 -18.84 27.90
CA SER A 577 -29.14 -19.50 29.12
C SER A 577 -30.36 -19.76 29.98
N VAL A 578 -30.42 -20.95 30.58
CA VAL A 578 -31.62 -21.36 31.30
C VAL A 578 -31.77 -20.55 32.57
N ILE A 579 -32.95 -19.96 32.75
CA ILE A 579 -33.31 -19.29 34.00
C ILE A 579 -33.85 -20.34 34.95
N PRO A 580 -33.25 -20.52 36.13
CA PRO A 580 -33.73 -21.54 37.06
C PRO A 580 -35.17 -21.26 37.49
N SER A 581 -35.95 -22.33 37.61
CA SER A 581 -37.34 -22.18 38.05
C SER A 581 -37.41 -21.61 39.46
N GLN A 582 -36.39 -21.86 40.26
CA GLN A 582 -36.31 -21.24 41.57
C GLN A 582 -36.17 -19.73 41.43
N PRO A 583 -36.91 -18.94 42.21
CA PRO A 583 -36.87 -17.47 42.04
C PRO A 583 -35.58 -16.85 42.55
N ASN A 584 -34.48 -17.20 41.88
CA ASN A 584 -33.18 -16.64 42.23
C ASN A 584 -33.11 -15.20 41.75
N PRO A 585 -32.84 -14.23 42.63
CA PRO A 585 -32.85 -12.83 42.21
C PRO A 585 -31.76 -12.52 41.19
N THR A 586 -32.06 -11.61 40.29
CA THR A 586 -31.12 -11.20 39.25
C THR A 586 -31.41 -9.74 38.90
N GLY A 587 -30.94 -9.31 37.74
CA GLY A 587 -31.22 -7.98 37.25
C GLY A 587 -32.70 -7.80 37.01
N PRO A 588 -33.16 -6.55 37.03
CA PRO A 588 -34.61 -6.29 36.86
C PRO A 588 -35.14 -6.75 35.51
N ALA A 589 -34.28 -6.92 34.51
CA ALA A 589 -34.68 -7.36 33.18
C ALA A 589 -35.66 -6.38 32.54
N ILE A 590 -35.57 -5.10 32.95
CA ILE A 590 -36.39 -4.07 32.33
C ILE A 590 -36.07 -3.91 30.85
N PRO A 591 -34.80 -3.85 30.41
CA PRO A 591 -34.55 -3.93 28.96
C PRO A 591 -34.99 -5.25 28.36
N SER A 592 -34.91 -6.33 29.13
CA SER A 592 -35.28 -7.64 28.61
C SER A 592 -36.74 -7.66 28.20
N GLN A 593 -36.92 -7.94 26.91
CA GLN A 593 -38.26 -8.10 26.35
C GLN A 593 -38.58 -9.57 26.57
N LEU A 594 -39.81 -9.97 26.30
CA LEU A 594 -40.20 -11.36 26.57
C LEU A 594 -40.84 -11.93 25.31
N ASP A 595 -40.45 -13.13 24.89
CA ASP A 595 -41.14 -13.78 23.76
C ASP A 595 -41.71 -15.05 24.35
N LEU A 596 -43.02 -15.30 24.25
CA LEU A 596 -43.50 -16.60 24.78
C LEU A 596 -44.02 -17.43 23.62
N SER A 597 -43.42 -18.59 23.41
CA SER A 597 -43.81 -19.45 22.28
C SER A 597 -44.24 -20.80 22.86
N LYS A 598 -44.54 -20.83 24.16
CA LYS A 598 -44.88 -22.12 24.83
C LYS A 598 -46.33 -22.50 24.61
N GLY A 599 -47.22 -21.56 24.89
CA GLY A 599 -48.64 -21.82 24.70
C GLY A 599 -49.18 -23.01 25.48
N ASN A 600 -48.61 -23.29 26.64
CA ASN A 600 -49.02 -24.43 27.46
C ASN A 600 -48.58 -24.18 28.89
N ALA A 601 -48.70 -25.20 29.74
CA ALA A 601 -48.36 -25.05 31.14
C ALA A 601 -46.87 -25.28 31.38
N GLY A 602 -46.15 -25.81 30.38
CA GLY A 602 -44.72 -26.07 30.56
C GLY A 602 -43.94 -24.80 30.86
N THR A 603 -43.85 -23.91 29.88
CA THR A 603 -43.33 -22.56 30.06
C THR A 603 -41.94 -22.56 30.69
N THR A 604 -40.98 -23.13 29.97
CA THR A 604 -39.58 -23.00 30.36
C THR A 604 -39.08 -21.60 30.04
N ARG A 605 -38.29 -21.04 30.95
CA ARG A 605 -37.85 -19.64 30.86
C ARG A 605 -36.37 -19.59 30.51
N LEU A 606 -36.06 -18.81 29.47
CA LEU A 606 -34.70 -18.66 28.98
C LEU A 606 -34.34 -17.17 28.90
N ALA A 607 -33.18 -16.83 29.43
CA ALA A 607 -32.61 -15.50 29.28
C ALA A 607 -31.66 -15.52 28.09
N CYS A 608 -31.91 -14.68 27.10
CA CYS A 608 -31.27 -14.80 25.81
C CYS A 608 -30.62 -13.50 25.38
N THR A 609 -29.42 -13.60 24.81
CA THR A 609 -28.65 -12.44 24.34
C THR A 609 -28.61 -12.42 22.83
N ASN A 610 -29.06 -11.32 22.24
CA ASN A 610 -29.01 -11.17 20.79
C ASN A 610 -27.57 -11.10 20.31
N VAL A 611 -27.28 -11.79 19.20
CA VAL A 611 -25.92 -11.90 18.70
C VAL A 611 -25.62 -10.94 17.56
N ALA A 612 -26.52 -10.02 17.26
CA ALA A 612 -26.34 -9.01 16.22
C ALA A 612 -25.05 -8.20 16.36
N PRO A 613 -24.56 -7.91 17.57
CA PRO A 613 -23.27 -7.23 17.67
C PRO A 613 -22.12 -7.92 16.93
N ASP A 614 -22.10 -9.25 16.90
CA ASP A 614 -20.95 -9.98 16.37
C ASP A 614 -21.22 -10.62 15.01
N VAL A 615 -22.13 -10.05 14.22
CA VAL A 615 -22.41 -10.62 12.92
C VAL A 615 -21.30 -10.25 11.94
N ILE A 616 -20.84 -11.25 11.20
CA ILE A 616 -19.81 -11.09 10.18
C ILE A 616 -20.50 -10.96 8.84
N THR A 617 -20.27 -9.84 8.16
CA THR A 617 -20.89 -9.61 6.86
C THR A 617 -20.07 -10.25 5.76
N LEU A 618 -20.70 -11.13 5.00
CA LEU A 618 -20.09 -11.86 3.92
C LEU A 618 -20.72 -11.44 2.61
N PRO A 619 -19.94 -11.35 1.52
CA PRO A 619 -20.55 -11.03 0.24
C PRO A 619 -21.53 -12.12 -0.17
N ALA A 620 -22.62 -11.70 -0.81
CA ALA A 620 -23.68 -12.62 -1.20
C ALA A 620 -23.17 -13.50 -2.33
N SER A 621 -23.12 -14.81 -2.09
CA SER A 621 -22.66 -15.77 -3.07
C SER A 621 -23.87 -16.53 -3.62
N THR A 622 -24.42 -16.04 -4.71
CA THR A 622 -25.51 -16.70 -5.41
C THR A 622 -25.04 -17.06 -6.80
N ARG A 623 -25.86 -17.85 -7.51
CA ARG A 623 -25.51 -18.26 -8.86
C ARG A 623 -25.51 -17.12 -9.85
N PHE A 624 -26.11 -15.98 -9.52
CA PHE A 624 -26.19 -14.84 -10.41
C PHE A 624 -25.16 -13.77 -10.07
N ALA A 625 -24.20 -14.08 -9.21
CA ALA A 625 -23.21 -13.12 -8.76
C ALA A 625 -21.85 -13.48 -9.34
N ARG A 626 -21.05 -12.52 -9.68
CA ARG A 626 -19.70 -12.80 -10.22
C ARG A 626 -18.66 -12.14 -9.34
N PHE A 627 -18.99 -10.96 -8.75
CA PHE A 627 -18.03 -10.23 -7.93
C PHE A 627 -18.63 -9.95 -6.57
N PRO A 628 -17.78 -9.79 -5.54
CA PRO A 628 -18.31 -9.44 -4.21
C PRO A 628 -19.01 -8.10 -4.18
N PHE A 629 -18.78 -7.26 -5.17
CA PHE A 629 -19.32 -5.91 -5.22
C PHE A 629 -20.30 -5.81 -6.37
N SER A 630 -20.85 -4.61 -6.53
CA SER A 630 -21.63 -4.25 -7.71
C SER A 630 -21.41 -2.78 -7.99
N VAL A 631 -20.92 -2.47 -9.19
CA VAL A 631 -20.71 -1.07 -9.56
C VAL A 631 -22.02 -0.31 -9.65
N ARG A 632 -23.12 -0.99 -9.94
CA ARG A 632 -24.44 -0.36 -9.98
C ARG A 632 -25.11 -0.59 -8.64
N LYS A 633 -25.59 0.49 -8.03
CA LYS A 633 -26.24 0.39 -6.73
C LYS A 633 -27.52 -0.43 -6.81
N GLU A 634 -28.20 -0.38 -7.95
CA GLU A 634 -29.48 -1.08 -8.08
C GLU A 634 -29.29 -2.59 -8.09
N ALA A 635 -28.15 -3.06 -8.57
CA ALA A 635 -27.90 -4.49 -8.72
C ALA A 635 -27.21 -5.11 -7.52
N GLU A 636 -27.00 -4.35 -6.44
CA GLU A 636 -26.34 -4.90 -5.27
C GLU A 636 -27.22 -5.95 -4.61
N ILE A 637 -26.63 -7.10 -4.33
CA ILE A 637 -27.32 -8.17 -3.60
C ILE A 637 -27.09 -7.95 -2.10
N PRO A 638 -28.13 -7.96 -1.28
CA PRO A 638 -27.93 -7.84 0.17
C PRO A 638 -27.04 -8.94 0.68
N PRO A 639 -26.01 -8.61 1.46
CA PRO A 639 -24.97 -9.58 1.81
C PRO A 639 -25.47 -10.62 2.80
N PHE A 640 -24.67 -11.70 2.90
CA PHE A 640 -24.95 -12.78 3.83
C PHE A 640 -24.56 -12.39 5.25
N SER A 641 -25.10 -13.12 6.21
CA SER A 641 -24.78 -12.93 7.63
C SER A 641 -24.14 -14.19 8.16
N TYR A 642 -23.03 -14.04 8.86
CA TYR A 642 -22.23 -15.17 9.30
C TYR A 642 -21.87 -15.02 10.77
N LEU A 643 -22.00 -16.10 11.52
CA LEU A 643 -21.59 -16.14 12.92
C LEU A 643 -20.57 -17.27 13.07
N GLU A 644 -19.47 -16.97 13.75
CA GLU A 644 -18.46 -17.98 14.05
C GLU A 644 -18.03 -17.79 15.50
N TYR A 645 -18.17 -18.85 16.30
CA TYR A 645 -17.81 -18.79 17.71
C TYR A 645 -17.03 -20.04 18.08
N VAL A 646 -16.01 -19.87 18.91
CA VAL A 646 -15.36 -21.01 19.54
C VAL A 646 -16.24 -21.50 20.69
N LEU A 647 -16.23 -22.81 20.91
CA LEU A 647 -17.13 -23.40 21.89
C LEU A 647 -16.83 -22.88 23.30
N ASP A 648 -15.57 -22.58 23.59
CA ASP A 648 -15.22 -22.08 24.91
C ASP A 648 -15.82 -20.71 25.17
N ASP A 649 -15.98 -19.90 24.12
CA ASP A 649 -16.56 -18.57 24.28
C ASP A 649 -18.01 -18.66 24.76
N ILE A 650 -18.78 -19.61 24.23
CA ILE A 650 -20.21 -19.67 24.49
C ILE A 650 -20.59 -20.86 25.35
N SER A 651 -19.62 -21.52 25.98
CA SER A 651 -19.92 -22.70 26.79
C SER A 651 -20.78 -22.34 28.00
N GLU A 652 -20.71 -21.09 28.47
CA GLU A 652 -21.51 -20.70 29.62
C GLU A 652 -23.00 -20.72 29.29
N HIS A 653 -23.35 -20.63 28.01
CA HIS A 653 -24.74 -20.66 27.61
C HIS A 653 -25.21 -22.09 27.40
N GLN A 654 -26.52 -22.24 27.22
CA GLN A 654 -27.13 -23.55 27.07
C GLN A 654 -27.70 -23.81 25.69
N PHE A 655 -28.05 -22.77 24.94
CA PHE A 655 -28.70 -22.96 23.66
C PHE A 655 -28.31 -21.83 22.72
N VAL A 656 -28.48 -22.08 21.42
CA VAL A 656 -28.50 -21.05 20.40
C VAL A 656 -29.91 -21.04 19.82
N ALA A 657 -30.62 -19.94 19.98
CA ALA A 657 -32.01 -19.84 19.56
C ALA A 657 -32.07 -19.11 18.23
N VAL A 658 -32.55 -19.81 17.21
CA VAL A 658 -32.82 -19.19 15.92
C VAL A 658 -34.32 -18.94 15.85
N ILE A 659 -34.72 -17.70 16.06
CA ILE A 659 -36.13 -17.33 16.16
C ILE A 659 -36.61 -16.96 14.77
N GLU A 660 -37.41 -17.82 14.17
CA GLU A 660 -38.01 -17.58 12.87
C GLU A 660 -39.30 -16.81 13.07
N LYS A 661 -39.23 -15.49 12.90
CA LYS A 661 -40.37 -14.61 13.15
C LYS A 661 -41.29 -14.46 11.94
N ALA A 662 -40.89 -14.96 10.77
CA ALA A 662 -41.72 -14.83 9.59
C ALA A 662 -42.89 -15.79 9.67
N THR A 663 -44.05 -15.34 9.17
CA THR A 663 -45.26 -16.14 9.16
C THR A 663 -45.64 -16.64 7.77
N ILE A 664 -45.65 -15.78 6.77
CA ILE A 664 -45.91 -16.21 5.40
C ILE A 664 -44.60 -16.71 4.81
N PRO A 665 -44.62 -17.70 3.90
CA PRO A 665 -43.38 -18.21 3.34
C PRO A 665 -42.62 -17.16 2.55
N THR A 666 -41.46 -16.77 3.06
CA THR A 666 -40.62 -15.79 2.39
C THR A 666 -39.25 -16.40 2.09
N PRO A 667 -38.61 -15.99 0.99
CA PRO A 667 -37.30 -16.57 0.66
C PRO A 667 -36.28 -16.28 1.75
N GLY A 668 -35.44 -17.26 2.02
CA GLY A 668 -34.40 -17.11 3.02
C GLY A 668 -33.95 -18.48 3.47
N PHE A 669 -32.66 -18.57 3.78
CA PHE A 669 -32.10 -19.82 4.26
C PHE A 669 -31.29 -19.55 5.52
N VAL A 670 -31.23 -20.55 6.38
CA VAL A 670 -30.41 -20.50 7.59
C VAL A 670 -29.73 -21.85 7.73
N ILE A 671 -28.40 -21.85 7.83
CA ILE A 671 -27.63 -23.05 8.13
C ILE A 671 -26.83 -22.77 9.39
N ALA A 672 -27.02 -23.61 10.41
CA ALA A 672 -26.27 -23.50 11.64
C ALA A 672 -25.81 -24.89 12.06
N GLU A 673 -24.60 -24.97 12.60
CA GLU A 673 -24.07 -26.26 13.02
C GLU A 673 -22.87 -26.04 13.91
N PHE A 674 -22.54 -27.09 14.66
CA PHE A 674 -21.29 -27.18 15.39
C PHE A 674 -20.38 -28.16 14.66
N SER A 675 -19.12 -27.79 14.50
CA SER A 675 -18.18 -28.60 13.74
C SER A 675 -16.88 -28.76 14.51
N ASP A 676 -16.17 -29.83 14.20
CA ASP A 676 -14.90 -30.16 14.82
C ASP A 676 -13.77 -29.54 14.02
N HIS A 677 -12.74 -29.05 14.71
CA HIS A 677 -11.63 -28.41 14.03
C HIS A 677 -10.94 -29.35 13.05
N SER A 678 -10.92 -30.65 13.37
CA SER A 678 -10.29 -31.61 12.47
C SER A 678 -11.05 -31.71 11.16
N ASN A 679 -12.38 -31.66 11.22
CA ASN A 679 -13.18 -31.87 10.02
C ASN A 679 -13.18 -30.64 9.13
N SER A 680 -12.99 -29.46 9.71
CA SER A 680 -13.12 -28.23 8.94
C SER A 680 -11.80 -27.66 8.46
N HIS A 681 -10.72 -27.84 9.22
CA HIS A 681 -9.45 -27.20 8.92
C HIS A 681 -8.45 -28.21 8.38
N HIS A 682 -7.90 -27.92 7.21
CA HIS A 682 -6.89 -28.74 6.56
C HIS A 682 -5.65 -27.89 6.32
N THR A 683 -4.48 -28.45 6.65
CA THR A 683 -3.21 -27.80 6.37
C THR A 683 -2.42 -28.68 5.43
N ARG A 684 -1.87 -28.10 4.38
CA ARG A 684 -1.05 -28.81 3.42
C ARG A 684 0.38 -28.36 3.59
N HIS A 685 1.20 -29.21 4.23
CA HIS A 685 2.62 -28.94 4.42
C HIS A 685 3.36 -29.43 3.19
N ILE A 686 3.44 -28.58 2.18
CA ILE A 686 4.12 -28.89 0.94
C ILE A 686 5.14 -27.80 0.68
N GLY A 687 6.36 -28.20 0.36
CA GLY A 687 7.41 -27.24 0.13
C GLY A 687 7.12 -26.36 -1.07
N LEU A 688 7.85 -25.25 -1.15
CA LEU A 688 7.65 -24.34 -2.28
C LEU A 688 8.11 -24.98 -3.58
N ARG A 689 9.15 -25.81 -3.52
CA ARG A 689 9.63 -26.45 -4.75
C ARG A 689 8.59 -27.42 -5.30
N ASN A 690 8.03 -28.27 -4.44
CA ASN A 690 7.01 -29.21 -4.90
C ASN A 690 5.73 -28.49 -5.30
N LEU A 691 5.37 -27.43 -4.59
CA LEU A 691 4.19 -26.67 -4.95
C LEU A 691 4.35 -26.02 -6.33
N LEU A 692 5.51 -25.44 -6.60
CA LEU A 692 5.74 -24.84 -7.91
C LEU A 692 5.84 -25.89 -8.99
N THR A 693 6.35 -27.08 -8.65
CA THR A 693 6.48 -28.14 -9.64
C THR A 693 5.13 -28.78 -9.96
N PHE A 694 4.45 -29.31 -8.94
CA PHE A 694 3.25 -30.10 -9.15
C PHE A 694 1.96 -29.37 -8.83
N GLY A 695 1.98 -28.36 -7.99
CA GLY A 695 0.77 -27.80 -7.44
C GLY A 695 0.24 -28.66 -6.31
N ILE A 696 -0.84 -28.17 -5.69
CA ILE A 696 -1.49 -28.89 -4.61
C ILE A 696 -2.95 -29.07 -4.96
N SER A 697 -3.48 -30.27 -4.71
CA SER A 697 -4.87 -30.60 -4.99
C SER A 697 -5.47 -31.29 -3.77
N LEU A 698 -6.66 -30.85 -3.37
CA LEU A 698 -7.35 -31.39 -2.21
C LEU A 698 -8.69 -31.95 -2.65
N ARG A 699 -9.19 -32.91 -1.90
CA ARG A 699 -10.56 -33.40 -2.07
C ARG A 699 -11.24 -33.37 -0.71
N LEU A 700 -12.00 -32.31 -0.47
CA LEU A 700 -12.78 -32.25 0.75
C LEU A 700 -13.95 -33.22 0.65
N PRO A 701 -14.22 -34.00 1.69
CA PRO A 701 -15.24 -35.04 1.60
C PRO A 701 -16.65 -34.46 1.55
N SER A 702 -17.60 -35.33 1.23
CA SER A 702 -19.00 -34.95 1.20
C SER A 702 -19.55 -34.63 2.58
N ASN A 703 -19.11 -35.38 3.60
CA ASN A 703 -19.56 -35.17 4.97
C ASN A 703 -18.71 -34.11 5.67
N ARG A 704 -18.65 -32.95 5.02
CA ARG A 704 -17.83 -31.85 5.50
C ARG A 704 -18.70 -30.71 5.99
N PRO A 705 -18.20 -29.88 6.89
CA PRO A 705 -19.01 -28.78 7.42
C PRO A 705 -19.32 -27.74 6.36
N MET A 706 -20.18 -26.79 6.75
CA MET A 706 -20.47 -25.68 5.86
C MET A 706 -19.21 -24.88 5.54
N MET A 707 -18.38 -24.62 6.53
CA MET A 707 -17.19 -23.82 6.36
C MET A 707 -15.97 -24.73 6.50
N SER A 708 -15.10 -24.70 5.50
CA SER A 708 -13.86 -25.45 5.51
C SER A 708 -12.71 -24.48 5.28
N GLU A 709 -11.56 -24.78 5.88
CA GLU A 709 -10.37 -23.98 5.70
C GLU A 709 -9.24 -24.84 5.16
N VAL A 710 -8.53 -24.33 4.16
CA VAL A 710 -7.33 -24.97 3.63
C VAL A 710 -6.19 -23.98 3.76
N ARG A 711 -5.16 -24.37 4.49
CA ARG A 711 -4.01 -23.52 4.75
C ARG A 711 -2.77 -24.11 4.08
N ILE A 712 -2.08 -23.30 3.30
CA ILE A 712 -0.79 -23.70 2.75
C ILE A 712 0.27 -22.80 3.37
N PRO A 713 0.98 -23.27 4.40
CA PRO A 713 1.94 -22.40 5.10
C PRO A 713 3.11 -21.96 4.24
N SER A 714 3.38 -22.62 3.12
CA SER A 714 4.53 -22.32 2.29
C SER A 714 4.22 -21.27 1.22
N VAL A 715 3.01 -20.72 1.21
CA VAL A 715 2.67 -19.64 0.30
C VAL A 715 2.74 -18.33 1.06
N LYS A 716 3.89 -17.68 1.02
CA LYS A 716 4.09 -16.42 1.72
C LYS A 716 4.53 -15.28 0.82
N SER A 717 5.23 -15.56 -0.26
CA SER A 717 5.84 -14.51 -1.06
C SER A 717 4.78 -13.67 -1.75
N SER A 718 5.03 -12.37 -1.79
CA SER A 718 4.23 -11.44 -2.58
C SER A 718 4.60 -11.47 -4.05
N LEU A 719 5.69 -12.14 -4.41
CA LEU A 719 6.21 -12.17 -5.78
C LEU A 719 5.67 -13.34 -6.59
N LEU A 720 4.94 -14.25 -5.98
CA LEU A 720 4.41 -15.42 -6.66
C LEU A 720 2.90 -15.36 -6.70
N ALA A 721 2.32 -15.60 -7.88
CA ALA A 721 0.89 -15.60 -8.08
C ALA A 721 0.45 -16.98 -8.52
N TYR A 722 -0.77 -17.36 -8.13
CA TYR A 722 -1.26 -18.71 -8.33
C TYR A 722 -2.60 -18.67 -9.05
N ASN A 723 -3.10 -19.86 -9.38
CA ASN A 723 -4.44 -20.03 -9.91
C ASN A 723 -5.16 -21.08 -9.08
N LEU A 724 -6.33 -20.71 -8.58
CA LEU A 724 -7.14 -21.59 -7.75
C LEU A 724 -8.33 -22.09 -8.56
N ARG A 725 -8.59 -23.39 -8.49
CA ARG A 725 -9.75 -23.99 -9.14
C ARG A 725 -10.56 -24.75 -8.12
N ILE A 726 -11.86 -24.50 -8.10
CA ILE A 726 -12.80 -25.21 -7.24
C ILE A 726 -13.75 -25.98 -8.14
N SER A 727 -13.88 -27.28 -7.87
CA SER A 727 -14.64 -28.14 -8.77
C SER A 727 -16.13 -27.82 -8.68
N ALA A 728 -16.84 -28.25 -9.72
CA ALA A 728 -18.29 -28.05 -9.77
C ALA A 728 -18.97 -28.80 -8.64
N LEU A 729 -19.94 -28.16 -8.02
CA LEU A 729 -20.71 -28.76 -6.94
C LEU A 729 -21.90 -29.50 -7.55
N GLU A 730 -21.77 -30.82 -7.68
CA GLU A 730 -22.80 -31.63 -8.34
C GLU A 730 -23.92 -31.94 -7.35
N CYS A 731 -24.68 -30.90 -7.01
CA CYS A 731 -25.79 -31.06 -6.09
C CYS A 731 -26.92 -31.82 -6.76
N SER A 732 -27.19 -33.02 -6.26
CA SER A 732 -28.09 -33.96 -6.90
C SER A 732 -29.54 -33.65 -6.52
N GLY A 733 -30.36 -33.34 -7.52
CA GLY A 733 -31.76 -33.07 -7.27
C GLY A 733 -32.03 -31.63 -6.89
N ARG A 734 -32.13 -31.38 -5.59
CA ARG A 734 -32.23 -30.04 -5.04
C ARG A 734 -31.09 -29.16 -5.54
N LYS A 735 -31.41 -27.88 -5.75
CA LYS A 735 -30.38 -26.89 -5.96
C LYS A 735 -29.74 -26.54 -4.62
N ASP A 736 -28.53 -26.00 -4.69
CA ASP A 736 -27.85 -25.60 -3.46
C ASP A 736 -28.45 -24.33 -2.90
N LEU A 737 -28.38 -24.18 -1.58
CA LEU A 737 -28.93 -22.99 -0.94
C LEU A 737 -28.19 -21.73 -1.36
N PHE A 738 -26.88 -21.85 -1.58
CA PHE A 738 -26.07 -20.73 -2.04
C PHE A 738 -24.87 -21.29 -2.80
N ALA A 739 -24.26 -20.43 -3.60
CA ALA A 739 -23.10 -20.82 -4.38
C ALA A 739 -21.85 -20.78 -3.51
N PRO A 740 -20.83 -21.57 -3.87
CA PRO A 740 -19.61 -21.60 -3.05
C PRO A 740 -18.96 -20.23 -2.93
N LEU A 741 -18.51 -19.92 -1.72
CA LEU A 741 -17.82 -18.67 -1.42
C LEU A 741 -16.43 -18.99 -0.89
N VAL A 742 -15.42 -18.35 -1.46
CA VAL A 742 -14.02 -18.56 -1.07
C VAL A 742 -13.48 -17.26 -0.52
N ARG A 743 -12.81 -17.34 0.63
CA ARG A 743 -12.11 -16.20 1.20
C ARG A 743 -10.62 -16.50 1.21
N GLN A 744 -9.90 -15.89 0.30
CA GLN A 744 -8.46 -15.93 0.21
C GLN A 744 -7.88 -14.84 1.11
N TYR A 745 -7.25 -15.23 2.21
CA TYR A 745 -6.88 -14.26 3.22
C TYR A 745 -5.49 -14.51 3.78
N LEU A 746 -4.90 -13.43 4.28
CA LEU A 746 -3.62 -13.47 4.99
C LEU A 746 -3.82 -12.81 6.34
N ALA A 747 -3.13 -13.32 7.35
CA ALA A 747 -3.15 -12.67 8.65
C ALA A 747 -2.07 -11.62 8.81
N GLU A 748 -1.06 -11.61 7.93
CA GLU A 748 0.11 -10.77 8.15
C GLU A 748 -0.21 -9.29 8.01
N PRO A 749 -0.63 -8.78 6.83
CA PRO A 749 -1.52 -7.61 6.85
C PRO A 749 -2.93 -8.15 6.84
N TYR A 750 -3.94 -7.31 6.98
CA TYR A 750 -5.31 -7.80 6.90
C TYR A 750 -5.75 -7.66 5.46
N GLU A 751 -5.43 -8.67 4.66
CA GLU A 751 -5.84 -8.74 3.26
C GLU A 751 -6.62 -10.02 3.04
N SER A 752 -7.91 -9.89 2.80
CA SER A 752 -8.73 -11.02 2.42
C SER A 752 -9.43 -10.67 1.12
N LYS A 753 -9.51 -11.63 0.23
CA LYS A 753 -10.16 -11.44 -1.06
C LYS A 753 -11.26 -12.49 -1.19
N TYR A 754 -12.44 -12.05 -1.62
CA TYR A 754 -13.61 -12.90 -1.69
C TYR A 754 -13.90 -13.25 -3.14
N PHE A 755 -14.22 -14.51 -3.37
CA PHE A 755 -14.61 -14.99 -4.69
C PHE A 755 -16.00 -15.60 -4.57
N VAL A 756 -16.99 -14.89 -5.05
CA VAL A 756 -18.38 -15.35 -4.96
C VAL A 756 -18.66 -16.28 -6.14
N ASN A 757 -19.40 -17.35 -5.88
CA ASN A 757 -19.65 -18.39 -6.87
C ASN A 757 -18.34 -18.86 -7.48
N ALA A 758 -17.45 -19.35 -6.63
CA ALA A 758 -16.08 -19.59 -7.04
C ALA A 758 -15.96 -20.84 -7.90
N ARG A 759 -15.33 -20.68 -9.06
CA ARG A 759 -14.85 -21.81 -9.85
C ARG A 759 -13.37 -21.63 -10.16
N GLN A 760 -12.97 -20.39 -10.45
CA GLN A 760 -11.68 -20.09 -11.03
C GLN A 760 -11.22 -18.75 -10.52
N ALA A 761 -10.24 -18.73 -9.63
CA ALA A 761 -9.81 -17.52 -8.97
C ALA A 761 -8.32 -17.30 -9.15
N ALA A 762 -7.95 -16.05 -9.40
CA ALA A 762 -6.55 -15.66 -9.47
C ALA A 762 -6.06 -15.29 -8.08
N VAL A 763 -5.04 -15.98 -7.60
CA VAL A 763 -4.57 -15.85 -6.23
C VAL A 763 -3.32 -14.99 -6.24
N SER A 764 -3.47 -13.73 -5.87
CA SER A 764 -2.36 -12.80 -5.70
C SER A 764 -2.39 -12.28 -4.28
N LEU A 765 -1.29 -12.41 -3.56
CA LEU A 765 -1.24 -12.08 -2.15
C LEU A 765 -0.15 -11.05 -1.88
N HIS A 766 -0.37 -10.22 -0.87
CA HIS A 766 0.61 -9.25 -0.39
C HIS A 766 1.22 -9.84 0.88
N GLY A 767 2.25 -10.66 0.71
CA GLY A 767 2.89 -11.29 1.84
C GLY A 767 4.24 -10.68 2.15
N VAL A 768 5.29 -11.48 2.07
CA VAL A 768 6.64 -11.04 2.40
C VAL A 768 7.22 -10.35 1.16
N ALA A 769 7.21 -9.02 1.18
CA ALA A 769 7.70 -8.23 0.07
C ALA A 769 9.19 -7.96 0.19
N PRO A 770 9.86 -7.63 -0.92
CA PRO A 770 11.32 -7.52 -0.88
C PRO A 770 11.88 -6.51 0.10
N TYR A 771 11.60 -5.22 -0.06
CA TYR A 771 12.41 -4.20 0.60
C TYR A 771 11.79 -3.70 1.90
N VAL A 772 10.78 -4.37 2.43
CA VAL A 772 10.06 -3.89 3.60
C VAL A 772 10.62 -4.56 4.84
N PRO A 773 10.43 -3.99 6.03
CA PRO A 773 10.98 -4.58 7.24
C PRO A 773 10.45 -5.98 7.47
N PRO A 774 11.23 -6.83 8.12
CA PRO A 774 10.86 -8.25 8.24
C PRO A 774 9.60 -8.43 9.05
N PRO A 775 8.83 -9.48 8.76
CA PRO A 775 7.57 -9.70 9.50
C PRO A 775 7.83 -10.01 10.97
N MET A 776 6.94 -9.65 11.81
CA MET A 776 7.08 -9.93 13.26
C MET A 776 6.80 -11.40 13.47
N SER A 777 7.00 -11.86 14.66
CA SER A 777 6.79 -13.25 15.02
C SER A 777 5.29 -13.58 15.05
N ARG A 778 4.96 -14.80 14.61
CA ARG A 778 3.58 -15.26 14.61
C ARG A 778 3.55 -16.75 14.89
N GLU A 779 2.41 -17.22 15.35
CA GLU A 779 2.22 -18.63 15.61
C GLU A 779 2.19 -19.42 14.30
N PRO A 780 2.58 -20.70 14.34
CA PRO A 780 2.63 -21.50 13.10
C PRO A 780 1.26 -21.71 12.46
N GLU A 781 0.17 -21.45 13.17
CA GLU A 781 -1.15 -21.59 12.61
C GLU A 781 -1.61 -20.36 11.85
N ALA A 782 -0.80 -19.31 11.80
CA ALA A 782 -1.14 -18.09 11.09
C ALA A 782 -0.10 -17.72 10.05
N GLU A 783 0.70 -18.67 9.61
CA GLU A 783 1.73 -18.43 8.60
C GLU A 783 1.23 -18.91 7.24
N GLY A 784 1.61 -18.19 6.20
CA GLY A 784 1.24 -18.60 4.86
C GLY A 784 -0.17 -18.20 4.50
N LEU A 785 -0.65 -18.81 3.43
CA LEU A 785 -1.93 -18.46 2.83
C LEU A 785 -2.99 -19.49 3.19
N ALA A 786 -4.19 -19.00 3.49
CA ALA A 786 -5.31 -19.86 3.83
C ALA A 786 -6.50 -19.51 2.96
N PHE A 787 -7.26 -20.54 2.58
CA PHE A 787 -8.50 -20.37 1.85
C PHE A 787 -9.63 -20.83 2.74
N GLN A 788 -10.61 -19.96 2.94
CA GLN A 788 -11.80 -20.32 3.69
C GLN A 788 -12.94 -20.53 2.71
N LEU A 789 -13.60 -21.67 2.81
CA LEU A 789 -14.59 -22.10 1.83
C LEU A 789 -15.94 -22.25 2.52
N TRP A 790 -16.98 -21.70 1.90
CA TRP A 790 -18.36 -21.91 2.32
C TRP A 790 -19.10 -22.59 1.18
N THR A 791 -19.60 -23.79 1.44
CA THR A 791 -20.46 -24.47 0.48
C THR A 791 -21.71 -24.95 1.20
N ASP A 792 -22.75 -25.21 0.42
CA ASP A 792 -23.96 -25.80 0.98
C ASP A 792 -23.64 -27.22 1.44
N PRO A 793 -23.82 -27.52 2.72
CA PRO A 793 -23.48 -28.86 3.23
C PRO A 793 -24.54 -29.93 3.00
N THR A 794 -25.72 -29.55 2.50
CA THR A 794 -26.81 -30.48 2.28
C THR A 794 -26.75 -31.13 0.91
N CYS A 795 -25.79 -30.76 0.07
CA CYS A 795 -25.73 -31.29 -1.28
C CYS A 795 -25.16 -32.69 -1.34
N ASN A 796 -24.41 -33.12 -0.34
CA ASN A 796 -23.78 -34.44 -0.32
C ASN A 796 -22.94 -34.66 -1.59
N SER A 797 -21.95 -33.80 -1.78
CA SER A 797 -21.06 -33.89 -2.92
C SER A 797 -19.68 -33.37 -2.54
N SER A 798 -18.65 -34.17 -2.79
CA SER A 798 -17.30 -33.75 -2.48
C SER A 798 -16.85 -32.66 -3.44
N ILE A 799 -15.86 -31.89 -3.01
CA ILE A 799 -15.38 -30.73 -3.74
C ILE A 799 -13.88 -30.85 -3.88
N GLN A 800 -13.35 -30.41 -5.01
CA GLN A 800 -11.92 -30.49 -5.27
C GLN A 800 -11.33 -29.09 -5.39
N VAL A 801 -10.22 -28.87 -4.70
CA VAL A 801 -9.51 -27.60 -4.71
C VAL A 801 -8.14 -27.83 -5.31
N ASP A 802 -7.84 -27.11 -6.39
CA ASP A 802 -6.53 -27.17 -7.05
C ASP A 802 -5.86 -25.81 -6.92
N LEU A 803 -4.56 -25.81 -6.71
CA LEU A 803 -3.78 -24.58 -6.67
C LEU A 803 -2.49 -24.82 -7.44
N THR A 804 -2.31 -24.11 -8.55
CA THR A 804 -1.12 -24.17 -9.36
C THR A 804 -0.53 -22.78 -9.50
N VAL A 805 0.70 -22.71 -9.95
CA VAL A 805 1.44 -21.46 -10.03
C VAL A 805 1.18 -20.79 -11.37
N ASP A 806 1.04 -19.47 -11.34
CA ASP A 806 0.86 -18.65 -12.53
C ASP A 806 2.21 -18.03 -12.86
N VAL A 807 2.89 -18.57 -13.88
CA VAL A 807 4.27 -18.17 -14.14
C VAL A 807 4.34 -16.74 -14.66
N MET A 808 3.44 -16.39 -15.59
CA MET A 808 3.50 -15.05 -16.16
C MET A 808 2.97 -14.00 -15.18
N GLY A 809 1.96 -14.36 -14.39
CA GLY A 809 1.52 -13.45 -13.35
C GLY A 809 2.59 -13.23 -12.29
N SER A 810 3.27 -14.30 -11.89
CA SER A 810 4.40 -14.16 -10.98
C SER A 810 5.47 -13.28 -11.57
N LEU A 811 5.74 -13.44 -12.87
CA LEU A 811 6.73 -12.60 -13.53
C LEU A 811 6.33 -11.14 -13.51
N GLY A 812 5.05 -10.85 -13.78
CA GLY A 812 4.59 -9.47 -13.76
C GLY A 812 4.47 -8.88 -12.37
N LYS A 813 4.50 -9.71 -11.33
CA LYS A 813 4.50 -9.16 -9.98
C LYS A 813 5.76 -8.34 -9.69
N LEU A 814 6.80 -8.50 -10.53
CA LEU A 814 8.08 -7.87 -10.23
C LEU A 814 8.12 -6.39 -10.53
N TYR A 815 7.13 -5.86 -11.25
CA TYR A 815 7.22 -4.46 -11.69
C TYR A 815 7.09 -3.49 -10.51
N MET A 816 6.08 -3.69 -9.66
CA MET A 816 5.93 -2.84 -8.48
C MET A 816 7.14 -2.92 -7.58
N ARG A 817 7.67 -4.12 -7.40
CA ARG A 817 8.69 -4.34 -6.38
C ARG A 817 10.06 -3.83 -6.83
N TYR A 818 10.36 -3.91 -8.12
CA TYR A 818 11.71 -3.65 -8.60
C TYR A 818 11.79 -2.57 -9.67
N ARG A 819 10.81 -1.68 -9.77
CA ARG A 819 10.90 -0.63 -10.77
C ARG A 819 11.99 0.37 -10.43
N THR A 820 12.21 0.63 -9.14
CA THR A 820 13.20 1.62 -8.72
C THR A 820 14.63 1.10 -8.82
N VAL A 821 14.81 -0.19 -9.12
CA VAL A 821 16.14 -0.74 -9.35
C VAL A 821 16.79 -0.11 -10.57
N PHE A 822 15.99 0.50 -11.46
CA PHE A 822 16.48 0.92 -12.77
C PHE A 822 16.89 2.38 -12.80
N ALA A 823 17.02 3.02 -11.64
CA ALA A 823 17.73 4.27 -11.55
C ALA A 823 19.15 4.10 -11.03
N ALA A 824 19.47 2.93 -10.49
CA ALA A 824 20.77 2.67 -9.90
C ALA A 824 21.49 1.49 -10.55
N PHE A 825 20.78 0.39 -10.76
CA PHE A 825 21.44 -0.84 -11.20
C PHE A 825 22.00 -0.77 -12.62
N PRO A 826 21.43 -0.03 -13.58
CA PRO A 826 22.12 0.11 -14.86
C PRO A 826 23.48 0.76 -14.73
N LEU A 827 23.72 1.51 -13.66
CA LEU A 827 25.05 2.05 -13.39
C LEU A 827 26.03 0.96 -13.00
N PHE A 828 25.54 -0.18 -12.54
CA PHE A 828 26.42 -1.33 -12.33
C PHE A 828 26.99 -1.84 -13.64
N ILE A 829 26.15 -1.91 -14.68
CA ILE A 829 26.63 -2.36 -15.98
C ILE A 829 27.53 -1.31 -16.62
N VAL A 830 27.14 -0.04 -16.54
CA VAL A 830 27.91 1.02 -17.18
C VAL A 830 29.30 1.11 -16.56
N SER A 831 29.39 1.02 -15.24
CA SER A 831 30.69 1.14 -14.58
C SER A 831 31.60 -0.03 -14.93
N LEU A 832 31.04 -1.21 -15.14
CA LEU A 832 31.86 -2.34 -15.53
C LEU A 832 32.31 -2.23 -16.97
N VAL A 833 31.52 -1.58 -17.82
CA VAL A 833 31.93 -1.35 -19.20
C VAL A 833 33.01 -0.29 -19.27
N LEU A 834 32.85 0.80 -18.52
CA LEU A 834 33.88 1.82 -18.46
C LEU A 834 35.16 1.29 -17.81
N ARG A 835 35.05 0.30 -16.95
CA ARG A 835 36.24 -0.32 -16.40
C ARG A 835 37.00 -1.11 -17.47
N LYS A 836 36.27 -1.84 -18.30
CA LYS A 836 36.92 -2.60 -19.37
C LYS A 836 37.48 -1.67 -20.44
N GLN A 837 36.80 -0.55 -20.70
CA GLN A 837 37.30 0.41 -21.67
C GLN A 837 38.61 1.03 -21.19
N PHE A 838 38.72 1.34 -19.91
CA PHE A 838 39.94 1.93 -19.38
C PHE A 838 41.04 0.90 -19.23
N GLN A 839 40.70 -0.35 -18.94
CA GLN A 839 41.71 -1.40 -18.84
C GLN A 839 42.40 -1.59 -20.19
N VAL A 840 41.62 -1.71 -21.26
CA VAL A 840 42.18 -1.93 -22.58
C VAL A 840 42.98 -0.72 -23.03
N TYR A 841 42.50 0.48 -22.69
CA TYR A 841 43.21 1.70 -23.06
C TYR A 841 44.56 1.77 -22.38
N ASP A 842 44.60 1.49 -21.09
CA ASP A 842 45.85 1.58 -20.34
C ASP A 842 46.83 0.49 -20.76
N SER A 843 46.34 -0.57 -21.39
CA SER A 843 47.22 -1.66 -21.79
C SER A 843 47.61 -1.55 -23.27
N THR A 844 46.69 -1.09 -24.11
CA THR A 844 46.92 -1.07 -25.54
C THR A 844 46.92 0.33 -26.16
N GLY A 845 46.36 1.32 -25.48
CA GLY A 845 46.28 2.65 -26.03
C GLY A 845 45.13 2.90 -26.96
N SER A 846 44.29 1.91 -27.21
CA SER A 846 43.08 2.07 -28.01
C SER A 846 41.89 2.03 -27.07
N PHE A 847 41.09 3.10 -27.06
CA PHE A 847 40.01 3.20 -26.10
C PHE A 847 38.77 2.68 -26.83
N ILE A 848 38.34 1.46 -26.51
CA ILE A 848 37.36 0.78 -27.35
C ILE A 848 35.98 1.41 -27.19
N THR A 849 35.09 1.06 -28.12
CA THR A 849 33.73 1.59 -28.09
C THR A 849 32.94 0.98 -26.93
N PHE A 850 31.82 1.63 -26.60
CA PHE A 850 30.99 1.14 -25.50
C PHE A 850 30.42 -0.24 -25.80
N ALA A 851 30.01 -0.48 -27.04
CA ALA A 851 29.50 -1.80 -27.41
C ALA A 851 30.58 -2.86 -27.32
N GLU A 852 31.81 -2.52 -27.72
CA GLU A 852 32.90 -3.48 -27.64
C GLU A 852 33.31 -3.72 -26.20
N GLY A 853 33.30 -2.67 -25.37
CA GLY A 853 33.54 -2.87 -23.95
C GLY A 853 32.47 -3.72 -23.29
N LEU A 854 31.22 -3.56 -23.71
CA LEU A 854 30.14 -4.40 -23.21
C LEU A 854 30.33 -5.85 -23.62
N ASP A 855 30.72 -6.08 -24.87
CA ASP A 855 30.99 -7.44 -25.32
C ASP A 855 32.11 -8.08 -24.52
N LEU A 856 33.17 -7.31 -24.23
CA LEU A 856 34.28 -7.86 -23.47
C LEU A 856 33.93 -8.06 -22.00
N SER A 857 33.03 -7.22 -21.46
CA SER A 857 32.64 -7.34 -20.06
C SER A 857 31.68 -8.49 -19.84
N LEU A 858 30.77 -8.72 -20.78
CA LEU A 858 29.81 -9.81 -20.64
C LEU A 858 30.51 -11.16 -20.62
N ARG A 859 31.71 -11.24 -21.16
CA ARG A 859 32.39 -12.53 -21.21
C ARG A 859 32.97 -12.90 -19.85
N GLN A 860 33.63 -11.96 -19.17
CA GLN A 860 34.17 -12.28 -17.85
C GLN A 860 33.68 -11.38 -16.72
N SER A 861 33.73 -10.06 -16.93
CA SER A 861 33.64 -9.15 -15.79
C SER A 861 32.22 -9.10 -15.22
N ILE A 862 31.21 -8.95 -16.08
CA ILE A 862 29.84 -8.86 -15.58
C ILE A 862 29.36 -10.16 -14.96
N PRO A 863 29.54 -11.34 -15.57
CA PRO A 863 29.12 -12.57 -14.89
C PRO A 863 29.77 -12.79 -13.54
N VAL A 864 31.04 -12.46 -13.40
CA VAL A 864 31.73 -12.66 -12.13
C VAL A 864 31.13 -11.78 -11.05
N MET A 865 30.83 -10.53 -11.38
CA MET A 865 30.34 -9.61 -10.36
C MET A 865 28.88 -9.82 -10.05
N LEU A 866 28.14 -10.52 -10.91
CA LEU A 866 26.81 -10.98 -10.52
C LEU A 866 26.90 -12.14 -9.55
N ILE A 867 27.91 -12.99 -9.71
CA ILE A 867 28.14 -14.07 -8.74
C ILE A 867 28.52 -13.49 -7.38
N VAL A 868 29.29 -12.41 -7.39
CA VAL A 868 29.66 -11.75 -6.14
C VAL A 868 28.44 -11.15 -5.47
N LEU A 869 27.53 -10.57 -6.25
CA LEU A 869 26.30 -10.05 -5.68
C LEU A 869 25.46 -11.16 -5.06
N ALA A 870 25.39 -12.32 -5.72
CA ALA A 870 24.68 -13.46 -5.15
C ALA A 870 25.33 -13.91 -3.86
N ALA A 871 26.66 -13.96 -3.82
CA ALA A 871 27.35 -14.36 -2.61
C ALA A 871 27.20 -13.32 -1.51
N LEU A 872 27.09 -12.05 -1.88
CA LEU A 872 26.85 -11.00 -0.89
C LEU A 872 25.49 -11.17 -0.24
N THR A 873 24.46 -11.53 -1.03
CA THR A 873 23.13 -11.70 -0.49
C THR A 873 23.09 -12.81 0.55
N LEU A 874 23.82 -13.90 0.30
CA LEU A 874 23.83 -15.02 1.23
C LEU A 874 24.58 -14.71 2.51
N SER A 875 25.27 -13.58 2.59
CA SER A 875 25.96 -13.20 3.81
C SER A 875 25.29 -11.99 4.46
N THR A 897 16.95 -7.92 15.29
CA THR A 897 16.58 -6.67 15.92
C THR A 897 16.83 -5.49 14.99
N ASN A 898 17.31 -5.79 13.78
CA ASN A 898 17.55 -4.76 12.79
C ASN A 898 16.37 -4.66 11.84
N PHE A 899 15.89 -3.43 11.64
CA PHE A 899 14.75 -3.18 10.76
C PHE A 899 15.18 -2.74 9.36
N HIS A 900 16.49 -2.70 9.10
CA HIS A 900 17.01 -2.34 7.79
C HIS A 900 17.72 -3.49 7.12
N GLN A 901 17.36 -4.73 7.48
CA GLN A 901 18.01 -5.90 6.89
C GLN A 901 17.72 -6.00 5.41
N ASN A 902 16.55 -5.51 4.98
CA ASN A 902 16.02 -5.76 3.66
C ASN A 902 16.18 -4.58 2.71
N ASP A 903 17.05 -3.63 3.05
CA ASP A 903 17.23 -2.45 2.20
C ASP A 903 18.22 -2.65 1.07
N LEU A 904 19.04 -3.68 1.12
CA LEU A 904 20.15 -3.76 0.17
C LEU A 904 19.93 -4.80 -0.91
N LEU A 905 20.53 -4.60 -2.09
CA LEU A 905 20.50 -5.53 -3.23
C LEU A 905 19.10 -5.82 -3.69
N ILE A 906 18.67 -7.08 -3.64
CA ILE A 906 17.35 -7.48 -4.20
C ILE A 906 16.27 -7.40 -3.14
N GLY A 907 16.57 -7.00 -1.92
CA GLY A 907 15.57 -6.80 -0.88
C GLY A 907 15.34 -8.01 -0.05
N THR A 908 15.79 -9.16 -0.47
CA THR A 908 15.50 -10.40 0.23
C THR A 908 16.79 -11.15 0.39
N GLN A 909 16.94 -11.91 1.47
CA GLN A 909 18.14 -12.74 1.69
C GLN A 909 17.71 -14.18 1.46
N ASP A 910 16.50 -14.39 0.99
CA ASP A 910 15.97 -15.74 0.69
C ASP A 910 16.70 -16.30 -0.51
N PRO A 911 17.20 -17.54 -0.41
CA PRO A 911 17.89 -18.18 -1.51
C PRO A 911 17.02 -18.45 -2.75
N PHE A 912 15.71 -18.66 -2.59
CA PHE A 912 14.83 -18.97 -3.73
C PHE A 912 14.88 -17.84 -4.73
N PHE A 913 14.99 -16.61 -4.25
CA PHE A 913 14.90 -15.48 -5.16
C PHE A 913 16.26 -14.99 -5.63
N LEU A 914 17.25 -15.87 -5.69
CA LEU A 914 18.56 -15.47 -6.20
C LEU A 914 18.55 -15.22 -7.70
N PHE A 915 17.62 -15.83 -8.44
CA PHE A 915 17.56 -15.62 -9.88
C PHE A 915 17.24 -14.18 -10.22
N LEU A 916 16.75 -13.39 -9.26
CA LEU A 916 16.45 -12.00 -9.53
C LEU A 916 17.72 -11.22 -9.85
N ILE A 917 18.85 -11.62 -9.31
CA ILE A 917 20.10 -10.93 -9.60
C ILE A 917 20.50 -11.11 -11.06
N PRO A 918 20.56 -12.34 -11.60
CA PRO A 918 20.76 -12.46 -13.06
C PRO A 918 19.68 -11.81 -13.89
N LEU A 919 18.42 -11.87 -13.44
CA LEU A 919 17.33 -11.26 -14.20
C LEU A 919 17.53 -9.76 -14.32
N ILE A 920 17.79 -9.08 -13.20
CA ILE A 920 18.03 -7.65 -13.22
C ILE A 920 19.29 -7.32 -14.01
N GLY A 921 20.32 -8.17 -13.88
CA GLY A 921 21.53 -7.92 -14.64
C GLY A 921 21.32 -7.95 -16.14
N ILE A 922 20.55 -8.94 -16.61
CA ILE A 922 20.35 -9.05 -18.05
C ILE A 922 19.41 -7.97 -18.56
N ILE A 923 18.38 -7.62 -17.79
CA ILE A 923 17.51 -6.53 -18.22
C ILE A 923 18.29 -5.21 -18.24
N CYS A 924 19.22 -5.03 -17.30
CA CYS A 924 20.01 -3.81 -17.29
C CYS A 924 21.01 -3.79 -18.43
N VAL A 925 21.51 -4.96 -18.83
CA VAL A 925 22.35 -5.03 -20.03
C VAL A 925 21.56 -4.58 -21.25
N GLY A 926 20.34 -5.08 -21.41
CA GLY A 926 19.50 -4.64 -22.52
C GLY A 926 19.21 -3.16 -22.49
N VAL A 927 18.89 -2.63 -21.31
CA VAL A 927 18.58 -1.21 -21.17
C VAL A 927 19.79 -0.35 -21.48
N CYS A 928 20.97 -0.77 -21.03
CA CYS A 928 22.19 -0.02 -21.32
C CYS A 928 22.49 -0.03 -22.82
N THR A 929 22.29 -1.17 -23.49
CA THR A 929 22.47 -1.20 -24.93
C THR A 929 21.52 -0.24 -25.63
N VAL A 930 20.25 -0.24 -25.21
CA VAL A 930 19.27 0.63 -25.86
C VAL A 930 19.62 2.09 -25.62
N VAL A 931 20.04 2.44 -24.41
CA VAL A 931 20.39 3.83 -24.12
C VAL A 931 21.64 4.24 -24.88
N ASN A 932 22.58 3.33 -25.04
CA ASN A 932 23.74 3.59 -25.89
C ASN A 932 23.32 3.94 -27.30
N TYR A 933 22.41 3.15 -27.87
CA TYR A 933 21.99 3.41 -29.24
C TYR A 933 21.18 4.69 -29.33
N ILE A 934 20.43 5.03 -28.28
CA ILE A 934 19.71 6.29 -28.25
C ILE A 934 20.68 7.47 -28.26
N ALA A 935 21.76 7.37 -27.46
CA ALA A 935 22.75 8.45 -27.44
C ALA A 935 23.47 8.58 -28.77
N LEU A 936 23.82 7.45 -29.40
CA LEU A 936 24.43 7.50 -30.72
C LEU A 936 23.50 8.13 -31.74
N SER A 937 22.23 7.76 -31.71
CA SER A 937 21.24 8.34 -32.62
C SER A 937 21.09 9.84 -32.40
N LEU A 938 21.06 10.26 -31.13
CA LEU A 938 20.92 11.68 -30.83
C LEU A 938 22.14 12.47 -31.32
N THR A 939 23.33 11.91 -31.12
CA THR A 939 24.53 12.57 -31.63
C THR A 939 24.46 12.72 -33.15
N ARG A 940 24.10 11.63 -33.86
CA ARG A 940 24.02 11.72 -35.31
C ARG A 940 22.93 12.68 -35.76
N LEU A 941 21.81 12.72 -35.05
CA LEU A 941 20.73 13.62 -35.42
C LEU A 941 21.12 15.08 -35.27
N ILE A 942 21.78 15.42 -34.17
CA ILE A 942 22.25 16.80 -34.01
C ILE A 942 23.30 17.13 -35.05
N SER A 943 24.16 16.15 -35.38
CA SER A 943 25.16 16.39 -36.42
C SER A 943 24.49 16.63 -37.77
N VAL A 944 23.42 15.90 -38.07
CA VAL A 944 22.68 16.13 -39.32
C VAL A 944 22.05 17.50 -39.32
N VAL A 945 21.50 17.94 -38.19
CA VAL A 945 20.95 19.28 -38.12
C VAL A 945 22.02 20.33 -38.39
N ILE A 946 23.20 20.15 -37.79
CA ILE A 946 24.29 21.11 -37.99
C ILE A 946 24.74 21.12 -39.45
N SER A 947 24.89 19.95 -40.05
CA SER A 947 25.30 19.88 -41.45
C SER A 947 24.24 20.48 -42.37
N PHE A 948 22.97 20.30 -42.03
CA PHE A 948 21.89 20.89 -42.82
C PHE A 948 21.92 22.40 -42.73
N ILE A 949 22.15 22.94 -41.54
CA ILE A 949 22.29 24.39 -41.41
C ILE A 949 23.50 24.88 -42.20
N GLY A 950 24.59 24.12 -42.17
CA GLY A 950 25.76 24.49 -42.95
C GLY A 950 25.47 24.54 -44.44
N PHE A 951 24.79 23.51 -44.96
CA PHE A 951 24.47 23.49 -46.38
C PHE A 951 23.49 24.61 -46.74
N LEU A 952 22.54 24.90 -45.86
CA LEU A 952 21.61 26.00 -46.10
C LEU A 952 22.37 27.32 -46.17
N THR A 953 23.40 27.48 -45.35
CA THR A 953 24.25 28.66 -45.44
C THR A 953 25.00 28.70 -46.78
N VAL A 954 25.55 27.56 -47.19
CA VAL A 954 26.40 27.53 -48.37
C VAL A 954 25.59 27.77 -49.64
N ARG A 955 24.44 27.11 -49.76
CA ARG A 955 23.65 27.22 -50.99
C ARG A 955 22.94 28.56 -51.08
N PHE A 956 22.46 29.08 -49.95
CA PHE A 956 21.72 30.34 -49.92
C PHE A 956 22.59 31.52 -49.53
N GLY A 957 23.92 31.35 -49.51
CA GLY A 957 24.82 32.43 -49.17
C GLY A 957 26.26 32.16 -49.56
N THR A 985 33.46 30.12 -19.13
CA THR A 985 34.87 29.91 -18.83
C THR A 985 35.08 29.61 -17.34
N ALA A 986 35.75 30.52 -16.64
CA ALA A 986 36.07 30.35 -15.23
C ALA A 986 35.07 31.07 -14.33
N VAL A 987 33.92 31.49 -14.87
CA VAL A 987 32.90 32.18 -14.10
C VAL A 987 31.89 31.23 -13.48
N LEU A 988 31.85 29.98 -13.92
CA LEU A 988 30.76 29.08 -13.55
C LEU A 988 30.72 28.81 -12.05
N LEU A 989 31.83 29.04 -11.35
CA LEU A 989 31.85 28.84 -9.91
C LEU A 989 30.97 29.86 -9.20
N PHE A 990 30.95 31.10 -9.69
CA PHE A 990 30.15 32.14 -9.06
C PHE A 990 28.66 31.83 -9.15
N LEU A 991 28.23 31.27 -10.27
CA LEU A 991 26.80 31.04 -10.50
C LEU A 991 26.22 30.08 -9.47
N VAL A 992 26.90 28.97 -9.24
CA VAL A 992 26.32 27.92 -8.38
C VAL A 992 26.26 28.38 -6.94
N SER A 993 27.21 29.20 -6.49
CA SER A 993 27.24 29.61 -5.09
C SER A 993 26.09 30.55 -4.74
N THR A 994 25.50 31.24 -5.72
CA THR A 994 24.53 32.27 -5.41
C THR A 994 23.10 31.76 -5.44
N MET A 995 22.64 31.28 -6.59
CA MET A 995 21.22 30.98 -6.78
C MET A 995 20.94 29.69 -7.54
N ILE A 996 21.90 29.17 -8.29
CA ILE A 996 21.68 28.02 -9.16
C ILE A 996 21.90 26.75 -8.33
N PRO A 997 20.88 25.91 -8.14
CA PRO A 997 21.13 24.60 -7.56
C PRO A 997 21.99 23.76 -8.48
N TYR A 998 22.79 22.87 -7.90
CA TYR A 998 23.75 22.15 -8.71
C TYR A 998 23.08 21.19 -9.68
N GLN A 999 21.78 20.97 -9.55
CA GLN A 999 21.10 20.11 -10.52
C GLN A 999 20.93 20.82 -11.86
N LEU A 1000 20.65 22.13 -11.83
CA LEU A 1000 20.61 22.90 -13.07
C LEU A 1000 21.98 22.94 -13.73
N ALA A 1001 23.03 23.14 -12.94
CA ALA A 1001 24.38 23.11 -13.47
C ALA A 1001 24.71 21.75 -14.04
N TYR A 1002 24.21 20.68 -13.41
CA TYR A 1002 24.46 19.33 -13.93
C TYR A 1002 23.76 19.12 -15.26
N LEU A 1003 22.52 19.59 -15.39
CA LEU A 1003 21.83 19.49 -16.67
C LEU A 1003 22.57 20.27 -17.76
N VAL A 1004 23.05 21.47 -17.42
CA VAL A 1004 23.79 22.26 -18.39
C VAL A 1004 25.09 21.56 -18.76
N ALA A 1005 25.74 20.92 -17.79
CA ALA A 1005 26.96 20.17 -18.07
C ALA A 1005 26.67 19.00 -18.99
N CYS A 1006 25.55 18.32 -18.81
CA CYS A 1006 25.17 17.24 -19.71
C CYS A 1006 24.93 17.77 -21.12
N LEU A 1007 24.32 18.95 -21.25
CA LEU A 1007 24.13 19.51 -22.58
C LEU A 1007 25.44 19.91 -23.23
N VAL A 1008 26.37 20.49 -22.47
CA VAL A 1008 27.67 20.84 -23.02
C VAL A 1008 28.45 19.58 -23.40
N GLN A 1009 28.28 18.52 -22.62
CA GLN A 1009 28.90 17.24 -22.96
C GLN A 1009 28.32 16.66 -24.24
N LEU A 1010 27.01 16.82 -24.44
CA LEU A 1010 26.40 16.40 -25.71
C LEU A 1010 26.96 17.21 -26.87
N GLY A 1011 27.19 18.51 -26.67
CA GLY A 1011 27.81 19.31 -27.70
C GLY A 1011 29.22 18.85 -28.01
N THR A 1012 30.00 18.56 -26.98
CA THR A 1012 31.34 18.01 -27.18
C THR A 1012 31.28 16.68 -27.91
N LEU A 1013 30.29 15.85 -27.59
CA LEU A 1013 30.15 14.56 -28.26
C LEU A 1013 29.83 14.74 -29.73
N VAL A 1014 28.97 15.71 -30.06
CA VAL A 1014 28.68 15.97 -31.48
C VAL A 1014 29.93 16.44 -32.20
N ARG A 1015 30.69 17.34 -31.58
CA ARG A 1015 31.92 17.81 -32.19
C ARG A 1015 32.90 16.66 -32.41
N ALA A 1016 33.05 15.79 -31.41
CA ALA A 1016 33.97 14.67 -31.51
C ALA A 1016 33.55 13.70 -32.59
N GLN A 1017 32.26 13.40 -32.68
CA GLN A 1017 31.80 12.49 -33.73
C GLN A 1017 32.01 13.09 -35.11
N ARG A 1018 31.73 14.39 -35.28
CA ARG A 1018 31.96 15.01 -36.58
C ARG A 1018 33.44 14.95 -36.96
N ILE A 1019 34.32 15.26 -36.01
CA ILE A 1019 35.76 15.21 -36.32
C ILE A 1019 36.18 13.80 -36.67
N SER A 1020 35.69 12.81 -35.92
CA SER A 1020 36.06 11.43 -36.17
C SER A 1020 35.56 10.95 -37.52
N SER A 1021 34.39 11.41 -37.94
CA SER A 1021 33.92 11.07 -39.29
C SER A 1021 34.73 11.75 -40.37
N GLU A 1022 35.14 13.00 -40.14
CA GLU A 1022 35.91 13.73 -41.14
C GLU A 1022 37.31 13.15 -41.33
N LEU A 1023 37.98 12.79 -40.25
CA LEU A 1023 39.39 12.41 -40.31
C LEU A 1023 39.65 10.92 -40.14
N ARG A 1024 38.85 10.23 -39.33
CA ARG A 1024 38.96 8.78 -39.16
C ARG A 1024 40.37 8.36 -38.76
N SER A 1025 40.95 9.12 -37.83
CA SER A 1025 42.22 8.77 -37.24
C SER A 1025 42.00 7.85 -36.03
N PRO A 1026 42.98 7.01 -35.70
CA PRO A 1026 42.86 6.26 -34.44
C PRO A 1026 42.86 7.15 -33.22
N ALA A 1027 43.44 8.34 -33.31
CA ALA A 1027 43.39 9.28 -32.19
C ALA A 1027 42.02 9.94 -32.08
N ASN A 1028 41.33 10.12 -33.19
CA ASN A 1028 40.01 10.74 -33.15
C ASN A 1028 38.94 9.74 -32.72
N SER A 1029 39.15 8.46 -33.01
CA SER A 1029 38.24 7.44 -32.51
C SER A 1029 38.35 7.28 -31.01
N ASN A 1030 39.56 7.36 -30.48
CA ASN A 1030 39.76 7.28 -29.03
C ASN A 1030 38.99 8.38 -28.32
N PHE A 1031 39.15 9.63 -28.77
CA PHE A 1031 38.49 10.73 -28.09
C PHE A 1031 36.98 10.63 -28.19
N HIS A 1032 36.46 10.25 -29.35
CA HIS A 1032 35.03 10.09 -29.50
C HIS A 1032 34.50 9.02 -28.56
N ASN A 1033 35.16 7.87 -28.51
CA ASN A 1033 34.70 6.80 -27.64
C ASN A 1033 34.77 7.21 -26.18
N TYR A 1034 35.83 7.90 -25.78
CA TYR A 1034 36.00 8.31 -24.39
C TYR A 1034 34.93 9.32 -23.99
N VAL A 1035 34.70 10.32 -24.83
CA VAL A 1035 33.67 11.30 -24.55
C VAL A 1035 32.30 10.65 -24.52
N HIS A 1036 32.05 9.68 -25.40
CA HIS A 1036 30.75 9.02 -25.41
C HIS A 1036 30.53 8.21 -24.14
N SER A 1037 31.55 7.51 -23.66
CA SER A 1037 31.39 6.75 -22.43
C SER A 1037 31.17 7.66 -21.24
N ILE A 1038 31.91 8.76 -21.16
CA ILE A 1038 31.69 9.69 -20.05
C ILE A 1038 30.29 10.30 -20.16
N PHE A 1039 29.81 10.53 -21.37
CA PHE A 1039 28.45 11.03 -21.54
C PHE A 1039 27.42 10.01 -21.05
N ILE A 1040 27.64 8.73 -21.34
CA ILE A 1040 26.72 7.71 -20.85
C ILE A 1040 26.72 7.66 -19.33
N LEU A 1041 27.90 7.74 -18.72
CA LEU A 1041 27.99 7.78 -17.27
C LEU A 1041 27.24 8.98 -16.71
N MET A 1042 27.43 10.16 -17.32
CA MET A 1042 26.73 11.36 -16.88
C MET A 1042 25.23 11.22 -17.06
N LEU A 1043 24.82 10.53 -18.12
CA LEU A 1043 23.41 10.46 -18.47
C LEU A 1043 22.66 9.52 -17.54
N TRP A 1044 23.34 8.51 -17.02
CA TRP A 1044 22.66 7.59 -16.11
C TRP A 1044 22.51 8.14 -14.71
N ILE A 1045 23.09 9.30 -14.40
CA ILE A 1045 22.89 9.97 -13.12
C ILE A 1045 21.79 11.02 -13.20
N LEU A 1046 21.48 11.52 -14.38
CA LEU A 1046 20.48 12.54 -14.64
C LEU A 1046 19.10 12.17 -14.11
N PRO A 1047 18.66 10.91 -14.18
CA PRO A 1047 17.40 10.55 -13.52
C PRO A 1047 17.32 10.94 -12.05
N ILE A 1048 18.42 10.84 -11.32
CA ILE A 1048 18.40 11.19 -9.90
C ILE A 1048 18.29 12.70 -9.70
N ASN A 1049 18.87 13.48 -10.62
CA ASN A 1049 18.93 14.92 -10.42
C ASN A 1049 17.71 15.62 -10.99
N LEU A 1050 17.04 15.02 -11.96
CA LEU A 1050 15.90 15.68 -12.59
C LEU A 1050 14.76 16.03 -11.63
N PRO A 1051 14.37 15.18 -10.68
CA PRO A 1051 13.26 15.56 -9.79
C PRO A 1051 13.50 16.86 -9.03
N THR A 1052 14.74 17.20 -8.69
CA THR A 1052 14.99 18.43 -7.96
C THR A 1052 14.85 19.65 -8.86
N LEU A 1053 15.06 19.51 -10.16
CA LEU A 1053 14.83 20.64 -11.05
C LEU A 1053 13.36 21.01 -11.15
N VAL A 1054 12.47 20.01 -11.23
CA VAL A 1054 11.05 20.34 -11.35
C VAL A 1054 10.56 21.02 -10.08
N VAL A 1055 11.06 20.59 -8.92
CA VAL A 1055 10.69 21.24 -7.67
C VAL A 1055 11.14 22.69 -7.67
N TRP A 1056 12.37 22.95 -8.10
CA TRP A 1056 12.91 24.31 -8.09
C TRP A 1056 12.17 25.20 -9.08
N MET A 1057 11.87 24.69 -10.28
CA MET A 1057 11.12 25.46 -11.26
C MET A 1057 9.72 25.76 -10.76
N HIS A 1058 9.07 24.77 -10.13
CA HIS A 1058 7.77 24.98 -9.54
C HIS A 1058 7.81 26.05 -8.46
N ASN A 1059 8.83 26.00 -7.59
CA ASN A 1059 8.94 26.98 -6.53
C ASN A 1059 9.16 28.39 -7.09
N LEU A 1060 9.93 28.50 -8.17
CA LEU A 1060 10.06 29.79 -8.82
C LEU A 1060 8.73 30.27 -9.36
N SER A 1061 7.95 29.37 -9.95
CA SER A 1061 6.62 29.75 -10.44
C SER A 1061 5.75 30.26 -9.31
N VAL A 1062 5.82 29.61 -8.14
CA VAL A 1062 5.04 30.06 -6.97
C VAL A 1062 5.71 31.23 -6.26
N HIS A 1063 6.92 31.60 -6.69
CA HIS A 1063 7.75 32.69 -6.15
C HIS A 1063 8.47 32.29 -4.87
N TRP A 1064 8.45 31.01 -4.50
CA TRP A 1064 9.20 30.54 -3.34
C TRP A 1064 10.68 30.47 -3.67
N LEU A 1065 11.51 31.00 -2.79
CA LEU A 1065 12.95 30.96 -2.94
C LEU A 1065 13.56 30.14 -1.81
N THR A 1066 14.39 29.17 -2.17
CA THR A 1066 15.08 28.34 -1.20
C THR A 1066 16.58 28.59 -1.26
N PRO A 1067 17.20 29.04 -0.17
CA PRO A 1067 18.65 29.22 -0.17
C PRO A 1067 19.36 27.88 -0.31
N PHE A 1068 20.57 27.95 -0.85
CA PHE A 1068 21.39 26.78 -1.11
C PHE A 1068 22.74 26.93 -0.44
N THR A 1069 23.17 25.89 0.28
CA THR A 1069 24.46 25.90 0.95
C THR A 1069 25.58 25.82 -0.09
N SER A 1070 26.39 26.88 -0.18
CA SER A 1070 27.39 26.97 -1.24
C SER A 1070 28.41 25.83 -1.15
N HIS A 1071 28.74 25.41 0.06
CA HIS A 1071 29.72 24.34 0.21
C HIS A 1071 29.24 23.05 -0.43
N HIS A 1072 27.96 22.74 -0.29
CA HIS A 1072 27.43 21.51 -0.89
C HIS A 1072 27.23 21.67 -2.40
N ASN A 1073 26.75 22.83 -2.85
CA ASN A 1073 26.53 23.01 -4.28
C ASN A 1073 27.83 22.95 -5.06
N VAL A 1074 28.85 23.68 -4.60
CA VAL A 1074 30.11 23.74 -5.33
C VAL A 1074 30.76 22.37 -5.39
N PHE A 1075 30.80 21.67 -4.25
CA PHE A 1075 31.52 20.40 -4.21
C PHE A 1075 30.74 19.29 -4.91
N SER A 1076 29.45 19.50 -5.16
CA SER A 1076 28.66 18.47 -5.82
C SER A 1076 28.67 18.64 -7.32
N ILE A 1077 29.21 19.73 -7.84
CA ILE A 1077 29.18 19.99 -9.27
C ILE A 1077 30.54 20.32 -9.86
N MET A 1078 31.51 20.78 -9.07
CA MET A 1078 32.79 21.19 -9.65
C MET A 1078 33.53 20.10 -10.41
N PRO A 1079 33.63 18.86 -9.93
CA PRO A 1079 34.32 17.85 -10.75
C PRO A 1079 33.71 17.66 -12.13
N PHE A 1080 32.39 17.70 -12.24
CA PHE A 1080 31.76 17.59 -13.54
C PHE A 1080 32.04 18.82 -14.41
N ILE A 1081 32.03 20.00 -13.81
CA ILE A 1081 32.34 21.22 -14.57
C ILE A 1081 33.75 21.14 -15.13
N LEU A 1082 34.70 20.73 -14.30
CA LEU A 1082 36.09 20.65 -14.75
C LEU A 1082 36.27 19.57 -15.81
N LEU A 1083 35.61 18.41 -15.63
CA LEU A 1083 35.70 17.36 -16.64
C LEU A 1083 35.13 17.82 -17.97
N VAL A 1084 33.98 18.49 -17.95
CA VAL A 1084 33.34 18.92 -19.18
C VAL A 1084 34.16 20.01 -19.86
N GLU A 1085 34.75 20.91 -19.08
CA GLU A 1085 35.67 21.89 -19.66
C GLU A 1085 36.87 21.21 -20.31
N THR A 1086 37.48 20.25 -19.61
CA THR A 1086 38.63 19.57 -20.17
C THR A 1086 38.27 18.87 -21.48
N HIS A 1087 37.08 18.28 -21.55
CA HIS A 1087 36.64 17.66 -22.78
C HIS A 1087 36.41 18.70 -23.88
N THR A 1088 35.90 19.87 -23.54
CA THR A 1088 35.74 20.90 -24.57
C THR A 1088 37.08 21.40 -25.08
N THR A 1089 38.14 21.31 -24.30
CA THR A 1089 39.47 21.62 -24.83
C THR A 1089 39.98 20.57 -25.81
N GLY A 1090 39.30 19.44 -25.92
CA GLY A 1090 39.69 18.41 -26.86
C GLY A 1090 40.77 17.46 -26.39
N GLN A 1091 41.09 17.47 -25.10
CA GLN A 1091 42.19 16.69 -24.56
C GLN A 1091 41.70 15.29 -24.21
N MET A 1092 42.40 14.28 -24.73
CA MET A 1092 42.10 12.89 -24.41
C MET A 1092 42.70 12.52 -23.06
N ILE A 1093 42.03 11.61 -22.35
CA ILE A 1093 42.51 11.19 -21.04
C ILE A 1093 43.91 10.60 -21.17
N PRO A 1094 44.89 11.05 -20.39
CA PRO A 1094 46.23 10.48 -20.49
C PRO A 1094 46.22 9.00 -20.20
N ARG A 1095 46.97 8.25 -20.99
CA ARG A 1095 47.03 6.81 -20.84
C ARG A 1095 47.86 6.45 -19.62
N THR A 1096 47.32 5.55 -18.80
CA THR A 1096 48.02 5.12 -17.61
C THR A 1096 48.22 3.60 -17.60
N CYS A 1104 54.77 3.01 -9.85
CA CYS A 1104 53.81 4.01 -9.39
C CYS A 1104 52.76 4.28 -10.46
N CYS A 1105 53.16 4.14 -11.72
CA CYS A 1105 52.20 4.29 -12.82
C CYS A 1105 51.14 3.20 -12.78
N VAL A 1106 51.54 1.95 -12.48
CA VAL A 1106 50.56 0.89 -12.38
C VAL A 1106 49.61 1.14 -11.22
N LEU A 1107 50.05 1.88 -10.21
CA LEU A 1107 49.15 2.24 -9.11
C LEU A 1107 48.04 3.15 -9.60
N LEU A 1108 48.38 4.15 -10.40
CA LEU A 1108 47.36 5.01 -10.99
C LEU A 1108 46.48 4.21 -11.95
N ARG A 1109 47.06 3.20 -12.61
CA ARG A 1109 46.26 2.33 -13.46
C ARG A 1109 45.22 1.57 -12.63
N HIS A 1110 45.62 1.10 -11.46
CA HIS A 1110 44.73 0.30 -10.64
C HIS A 1110 43.70 1.15 -9.92
N ILE A 1111 43.97 2.43 -9.70
CA ILE A 1111 42.99 3.27 -9.01
C ILE A 1111 41.73 3.41 -9.84
N THR A 1112 41.87 3.59 -11.16
CA THR A 1112 40.67 3.70 -12.00
C THR A 1112 39.86 2.42 -11.96
N SER A 1113 40.53 1.28 -12.04
CA SER A 1113 39.85 -0.01 -11.94
C SER A 1113 39.13 -0.16 -10.61
N ILE A 1114 39.79 0.17 -9.51
CA ILE A 1114 39.18 0.02 -8.20
C ILE A 1114 38.00 0.96 -8.04
N LEU A 1115 38.13 2.20 -8.50
CA LEU A 1115 37.03 3.15 -8.38
C LEU A 1115 35.82 2.68 -9.17
N LEU A 1116 36.02 2.20 -10.40
CA LEU A 1116 34.88 1.78 -11.20
C LEU A 1116 34.26 0.50 -10.67
N LEU A 1117 35.08 -0.41 -10.15
CA LEU A 1117 34.55 -1.61 -9.51
C LEU A 1117 33.73 -1.27 -8.28
N SER A 1118 34.23 -0.35 -7.46
CA SER A 1118 33.49 0.06 -6.28
C SER A 1118 32.19 0.77 -6.66
N LEU A 1119 32.20 1.55 -7.73
CA LEU A 1119 30.96 2.19 -8.17
C LEU A 1119 29.96 1.16 -8.65
N ALA A 1120 30.41 0.15 -9.39
CA ALA A 1120 29.50 -0.91 -9.82
C ALA A 1120 28.90 -1.62 -8.62
N LEU A 1121 29.73 -2.02 -7.67
CA LEU A 1121 29.23 -2.76 -6.51
C LEU A 1121 28.33 -1.90 -5.65
N TYR A 1122 28.69 -0.62 -5.47
CA TYR A 1122 27.87 0.27 -4.67
C TYR A 1122 26.52 0.53 -5.32
N ALA A 1123 26.49 0.73 -6.64
CA ALA A 1123 25.22 0.90 -7.33
C ALA A 1123 24.35 -0.33 -7.19
N ALA A 1124 24.95 -1.52 -7.31
CA ALA A 1124 24.18 -2.74 -7.15
C ALA A 1124 23.64 -2.89 -5.73
N VAL A 1125 24.45 -2.60 -4.73
CA VAL A 1125 24.10 -2.94 -3.35
C VAL A 1125 23.24 -1.86 -2.72
N TYR A 1126 23.71 -0.61 -2.72
CA TYR A 1126 23.03 0.48 -2.03
C TYR A 1126 22.21 1.34 -2.97
N GLY A 1127 21.92 0.86 -4.16
CA GLY A 1127 21.30 1.73 -5.14
C GLY A 1127 19.80 1.96 -4.98
N VAL A 1128 19.07 0.94 -4.51
CA VAL A 1128 17.63 1.11 -4.35
C VAL A 1128 17.32 2.03 -3.19
N SER A 1129 18.02 1.85 -2.06
CA SER A 1129 17.69 2.58 -0.84
C SER A 1129 18.42 3.90 -0.71
N TYR A 1130 19.59 4.04 -1.35
CA TYR A 1130 20.42 5.24 -1.20
C TYR A 1130 20.84 5.74 -2.58
N ALA A 1131 19.86 5.87 -3.48
CA ALA A 1131 20.13 6.34 -4.83
C ALA A 1131 20.62 7.78 -4.89
N TYR A 1132 20.52 8.53 -3.80
CA TYR A 1132 20.98 9.91 -3.83
C TYR A 1132 22.50 10.00 -3.66
N THR A 1133 23.13 8.93 -3.18
CA THR A 1133 24.57 8.93 -2.99
C THR A 1133 25.33 8.61 -4.27
N LEU A 1134 24.63 8.12 -5.29
CA LEU A 1134 25.28 7.78 -6.54
C LEU A 1134 25.83 9.03 -7.22
N HIS A 1135 25.12 10.15 -7.12
CA HIS A 1135 25.62 11.40 -7.66
C HIS A 1135 26.96 11.76 -7.04
N GLN A 1136 27.08 11.66 -5.72
CA GLN A 1136 28.33 12.01 -5.06
C GLN A 1136 29.44 11.03 -5.45
N PHE A 1137 29.10 9.76 -5.60
CA PHE A 1137 30.17 8.80 -5.86
C PHE A 1137 30.68 8.97 -7.30
N VAL A 1138 29.77 9.22 -8.24
CA VAL A 1138 30.16 9.50 -9.61
C VAL A 1138 30.88 10.83 -9.70
N ASN A 1139 30.55 11.78 -8.82
CA ASN A 1139 31.30 13.02 -8.72
C ASN A 1139 32.73 12.76 -8.30
N LEU A 1140 32.93 11.84 -7.36
CA LEU A 1140 34.29 11.45 -6.99
C LEU A 1140 35.04 10.83 -8.15
N PHE A 1141 34.37 9.98 -8.93
CA PHE A 1141 35.04 9.42 -10.11
C PHE A 1141 35.40 10.51 -11.13
N ALA A 1142 34.52 11.48 -11.32
CA ALA A 1142 34.82 12.58 -12.24
C ALA A 1142 36.00 13.39 -11.75
N PHE A 1143 36.10 13.59 -10.44
CA PHE A 1143 37.29 14.25 -9.90
C PHE A 1143 38.54 13.44 -10.17
N TRP A 1144 38.60 12.13 -10.02
CA TRP A 1144 39.86 11.39 -10.28
C TRP A 1144 40.26 11.55 -11.72
N LEU A 1145 39.34 11.46 -12.66
CA LEU A 1145 39.63 11.55 -14.09
C LEU A 1145 40.20 12.93 -14.34
N VAL A 1146 39.76 13.97 -13.65
CA VAL A 1146 40.33 15.35 -13.76
C VAL A 1146 41.77 15.36 -13.26
N MET A 1147 42.09 14.60 -12.24
CA MET A 1147 43.47 14.46 -11.74
C MET A 1147 44.37 13.70 -12.71
N VAL A 1148 43.89 12.66 -13.36
CA VAL A 1148 44.67 11.93 -14.39
C VAL A 1148 44.89 12.86 -15.56
N HIS A 1149 43.92 13.68 -15.89
CA HIS A 1149 44.02 14.64 -17.01
C HIS A 1149 45.04 15.68 -16.68
N SER A 1150 45.10 16.07 -15.44
CA SER A 1150 45.95 17.20 -15.03
C SER A 1150 47.10 16.70 -14.22
N THR A 1151 48.27 16.90 -14.76
CA THR A 1151 49.51 16.54 -14.03
C THR A 1151 49.83 15.10 -14.33
N ALA A 1152 48.87 14.30 -14.76
CA ALA A 1152 49.26 12.99 -15.23
C ALA A 1152 49.52 13.33 -16.71
N ASP A 1153 49.29 14.59 -17.09
CA ASP A 1153 49.62 15.04 -18.44
C ASP A 1153 49.75 16.56 -18.33
N ASP A 1154 49.93 17.24 -19.46
CA ASP A 1154 49.96 18.72 -19.41
C ASP A 1154 48.52 19.24 -19.54
N TRP A 1155 47.97 19.79 -18.46
CA TRP A 1155 46.55 20.21 -18.54
C TRP A 1155 46.39 21.28 -19.61
N GLY B 269 -25.93 21.65 -9.27
CA GLY B 269 -24.73 21.35 -10.08
C GLY B 269 -24.47 19.86 -10.09
N THR B 270 -23.39 19.47 -9.41
CA THR B 270 -22.93 18.11 -9.21
C THR B 270 -21.72 17.83 -10.11
N THR B 271 -20.65 17.33 -9.50
CA THR B 271 -19.46 16.91 -10.22
C THR B 271 -19.12 15.53 -9.68
N SER B 272 -18.10 14.90 -10.24
CA SER B 272 -17.73 13.55 -9.84
C SER B 272 -16.54 13.53 -8.90
#